data_5QSN
#
_entry.id   5QSN
#
_cell.length_a   154.984
_cell.length_b   167.688
_cell.length_c   47.106
_cell.angle_alpha   90.000
_cell.angle_beta   90.000
_cell.angle_gamma   90.000
#
_symmetry.space_group_name_H-M   'P 21 21 2'
#
loop_
_entity.id
_entity.type
_entity.pdbx_description
1 polymer 'Cohesin subunit SA-1'
2 non-polymer (2R)-2-(methoxymethyl)-4-(pyridin-2-yl)morpholine
3 water water
#
_entity_poly.entity_id   1
_entity_poly.type   'polypeptide(L)'
_entity_poly.pdbx_seq_one_letter_code
;SMSPNGNLIRMLVLFFLESELHEHAAYLVDSLWESSQELLKDWECMTELLLEEPVQGEEAMSDRQESALIELMVCTIRQA
AEAHPPVGRGTGKRVLTAKERKTQIDDRNKLTEHFIITLPMLLSKYSADAEKVANLLQIPQYFDLEIYSTGRMEKHLDAL
LKQIKFVVEKHVESDVLEACSKTYSILCSEEYTIQNRVDIARSQLIDEFVDRFNHSVEDLLQEGEEADDDDIYNVLSTLK
RLTSFHNAHDLTKWDLFGNCYRLLKTGIEHGAMPEQIVVQALQCSHYSILWQLVKITDGSPSKEDLLVLRKTVKSFLAVC
QQCLSNVNTPVKEQAFMLLCDLLMIFSHQLMTGGREGLQPLVFNPDTGLQSELLSFVMDHVFIDQDEENQSMEGDEEDEA
NKIEALHKRRNLLAAFSKLIIYDIVDMHAAADIFKHYMKYYNDYGDIIKETLSKTRQID
;
_entity_poly.pdbx_strand_id   A,B
#
loop_
_chem_comp.id
_chem_comp.type
_chem_comp.name
_chem_comp.formula
O2J non-polymer (2R)-2-(methoxymethyl)-4-(pyridin-2-yl)morpholine 'C11 H16 N2 O2'
#
# COMPACT_ATOMS: atom_id res chain seq x y z
N MET A 2 35.59 22.27 -23.91
CA MET A 2 35.36 20.77 -24.06
C MET A 2 36.53 19.99 -23.44
N SER A 3 37.72 20.09 -24.06
CA SER A 3 39.08 19.90 -23.46
C SER A 3 39.52 21.20 -22.77
N PRO A 4 39.29 22.43 -23.32
CA PRO A 4 39.54 23.68 -22.59
C PRO A 4 38.92 23.79 -21.18
N ASN A 5 37.61 23.62 -21.05
CA ASN A 5 36.92 23.52 -19.74
C ASN A 5 37.49 22.36 -18.93
N GLY A 6 37.95 21.29 -19.56
CA GLY A 6 38.60 20.17 -18.85
C GLY A 6 39.90 20.58 -18.16
N ASN A 7 40.73 21.41 -18.80
CA ASN A 7 41.99 21.91 -18.20
C ASN A 7 41.63 22.76 -16.99
N LEU A 8 40.71 23.73 -17.15
CA LEU A 8 40.29 24.61 -16.05
C LEU A 8 39.84 23.77 -14.85
N ILE A 9 39.03 22.75 -15.06
CA ILE A 9 38.54 21.88 -13.98
C ILE A 9 39.69 21.06 -13.35
N ARG A 10 40.63 20.53 -14.15
CA ARG A 10 41.80 19.77 -13.61
C ARG A 10 42.60 20.69 -12.68
N MET A 11 42.83 21.95 -13.08
CA MET A 11 43.65 22.91 -12.31
C MET A 11 42.85 23.35 -11.07
N LEU A 12 41.55 23.59 -11.23
CA LEU A 12 40.66 23.90 -10.09
C LEU A 12 40.75 22.78 -9.05
N VAL A 13 40.79 21.51 -9.47
CA VAL A 13 40.92 20.36 -8.53
C VAL A 13 42.31 20.39 -7.88
N LEU A 14 43.33 20.85 -8.61
CA LEU A 14 44.72 20.92 -8.09
C LEU A 14 44.83 22.05 -7.04
N PHE A 15 44.32 23.24 -7.36
CA PHE A 15 44.35 24.43 -6.49
C PHE A 15 43.67 24.11 -5.15
N PHE A 16 42.60 23.31 -5.20
CA PHE A 16 41.84 22.89 -3.99
C PHE A 16 42.73 21.99 -3.13
N LEU A 17 43.25 20.92 -3.72
CA LEU A 17 44.03 19.87 -3.01
C LEU A 17 45.36 20.45 -2.54
N GLU A 18 46.03 21.25 -3.36
CA GLU A 18 47.45 21.63 -3.14
C GLU A 18 47.53 22.80 -2.14
N SER A 19 46.71 23.84 -2.30
CA SER A 19 46.71 25.00 -1.38
C SER A 19 45.97 24.64 -0.10
N GLU A 20 46.06 25.49 0.92
CA GLU A 20 45.33 25.33 2.19
C GLU A 20 44.47 26.58 2.37
N LEU A 21 44.10 27.24 1.25
CA LEU A 21 43.36 28.55 1.19
C LEU A 21 41.85 28.33 1.23
N HIS A 22 41.41 27.11 0.90
CA HIS A 22 40.01 26.60 1.00
C HIS A 22 40.07 25.22 1.63
N GLU A 23 39.51 25.06 2.82
CA GLU A 23 39.50 23.80 3.61
C GLU A 23 38.36 22.92 3.10
N HIS A 24 37.25 23.58 2.74
CA HIS A 24 35.95 22.98 2.34
C HIS A 24 35.66 23.22 0.84
N ALA A 25 35.52 22.14 0.07
CA ALA A 25 35.01 22.15 -1.31
C ALA A 25 33.78 23.05 -1.44
N ALA A 26 32.78 22.85 -0.58
CA ALA A 26 31.52 23.63 -0.57
C ALA A 26 31.83 25.13 -0.59
N TYR A 27 32.77 25.57 0.25
CA TYR A 27 33.08 27.01 0.48
C TYR A 27 33.82 27.54 -0.76
N LEU A 28 34.76 26.76 -1.31
CA LEU A 28 35.51 27.09 -2.56
C LEU A 28 34.52 27.31 -3.72
N VAL A 29 33.62 26.34 -3.93
CA VAL A 29 32.61 26.34 -5.01
C VAL A 29 31.76 27.59 -4.85
N ASP A 30 31.20 27.79 -3.64
CA ASP A 30 30.35 28.95 -3.29
C ASP A 30 31.06 30.27 -3.64
N SER A 31 32.36 30.34 -3.36
CA SER A 31 33.18 31.58 -3.50
C SER A 31 33.34 31.91 -4.99
N LEU A 32 33.56 30.90 -5.83
CA LEU A 32 33.72 31.05 -7.29
C LEU A 32 32.36 31.12 -7.99
N TRP A 33 31.26 30.88 -7.27
CA TRP A 33 29.94 30.63 -7.91
C TRP A 33 29.53 31.80 -8.78
N GLU A 34 29.54 33.02 -8.23
CA GLU A 34 29.13 34.27 -8.92
C GLU A 34 29.87 34.39 -10.25
N SER A 35 31.18 34.14 -10.26
CA SER A 35 32.11 34.49 -11.37
C SER A 35 32.24 33.36 -12.39
N SER A 36 31.97 32.12 -11.99
CA SER A 36 32.34 30.90 -12.77
C SER A 36 31.25 29.83 -12.73
N GLN A 37 29.98 30.22 -12.60
CA GLN A 37 28.81 29.31 -12.67
C GLN A 37 28.88 28.47 -13.96
N GLU A 38 29.14 29.09 -15.12
CA GLU A 38 29.17 28.40 -16.45
C GLU A 38 30.12 27.19 -16.36
N LEU A 39 31.37 27.41 -15.97
CA LEU A 39 32.41 26.35 -15.81
C LEU A 39 31.94 25.30 -14.79
N LEU A 40 31.47 25.79 -13.63
CA LEU A 40 31.15 24.95 -12.44
C LEU A 40 29.85 24.16 -12.66
N LYS A 41 29.17 24.32 -13.78
CA LYS A 41 28.03 23.42 -14.11
C LYS A 41 28.28 22.68 -15.44
N ASP A 42 29.52 22.66 -15.95
CA ASP A 42 29.86 21.81 -17.12
C ASP A 42 29.98 20.37 -16.59
N TRP A 43 28.84 19.78 -16.25
CA TRP A 43 28.73 18.42 -15.65
C TRP A 43 29.15 17.37 -16.69
N GLU A 44 28.90 17.61 -17.98
CA GLU A 44 29.34 16.72 -19.09
C GLU A 44 30.87 16.65 -19.06
N CYS A 45 31.52 17.80 -18.84
CA CYS A 45 32.99 17.90 -18.76
C CYS A 45 33.54 17.06 -17.59
N MET A 46 32.99 17.25 -16.39
CA MET A 46 33.39 16.50 -15.17
C MET A 46 33.15 14.98 -15.35
N THR A 47 31.91 14.54 -15.65
CA THR A 47 31.61 13.08 -15.80
C THR A 47 32.51 12.47 -16.86
N GLU A 48 32.87 13.26 -17.88
CA GLU A 48 33.80 12.84 -18.96
C GLU A 48 35.18 12.56 -18.37
N LEU A 49 35.77 13.55 -17.70
CA LEU A 49 37.07 13.42 -17.00
C LEU A 49 37.06 12.15 -16.14
N LEU A 50 35.98 11.92 -15.39
CA LEU A 50 35.90 10.82 -14.39
C LEU A 50 35.73 9.48 -15.10
N LEU A 51 35.15 9.48 -16.30
CA LEU A 51 34.73 8.21 -16.95
C LEU A 51 35.65 7.81 -18.11
N GLU A 52 36.32 8.76 -18.76
CA GLU A 52 37.19 8.48 -19.94
C GLU A 52 38.52 7.90 -19.47
N GLU A 53 39.16 7.14 -20.36
CA GLU A 53 40.53 6.60 -20.21
C GLU A 53 41.48 7.57 -20.90
N PRO A 54 42.73 7.72 -20.41
CA PRO A 54 43.61 8.81 -20.84
C PRO A 54 44.36 8.51 -22.16
N VAL A 55 45.20 9.45 -22.60
CA VAL A 55 46.01 9.39 -23.85
C VAL A 55 47.50 9.45 -23.48
N GLU A 58 49.38 13.26 -22.87
CA GLU A 58 48.85 12.12 -22.07
C GLU A 58 48.41 12.64 -20.68
N GLU A 59 48.60 11.84 -19.61
CA GLU A 59 48.54 12.20 -18.15
C GLU A 59 47.14 11.92 -17.57
N ALA A 60 47.00 10.82 -16.81
CA ALA A 60 45.75 10.35 -16.14
C ALA A 60 45.63 10.98 -14.74
N MET A 61 44.40 11.04 -14.21
CA MET A 61 44.09 11.59 -12.85
C MET A 61 44.53 10.57 -11.79
N SER A 62 44.99 11.06 -10.63
CA SER A 62 45.36 10.26 -9.44
C SER A 62 44.11 9.96 -8.61
N ASP A 63 44.16 8.94 -7.74
CA ASP A 63 43.00 8.53 -6.90
C ASP A 63 42.56 9.70 -6.01
N ARG A 64 43.49 10.50 -5.49
CA ARG A 64 43.20 11.66 -4.60
C ARG A 64 42.43 12.72 -5.40
N GLN A 65 42.81 12.91 -6.67
CA GLN A 65 42.28 13.99 -7.55
C GLN A 65 40.89 13.59 -8.01
N GLU A 66 40.73 12.36 -8.50
CA GLU A 66 39.40 11.77 -8.78
C GLU A 66 38.49 12.04 -7.58
N SER A 67 38.86 11.62 -6.37
CA SER A 67 38.07 11.84 -5.12
C SER A 67 37.63 13.30 -5.00
N ALA A 68 38.54 14.24 -5.26
CA ALA A 68 38.31 15.70 -5.07
C ALA A 68 37.31 16.19 -6.11
N LEU A 69 37.49 15.77 -7.36
CA LEU A 69 36.61 16.14 -8.50
C LEU A 69 35.17 15.70 -8.20
N ILE A 70 34.97 14.45 -7.77
CA ILE A 70 33.62 13.97 -7.38
C ILE A 70 33.08 14.89 -6.30
N GLU A 71 33.87 15.20 -5.26
CA GLU A 71 33.39 16.05 -4.13
C GLU A 71 33.01 17.44 -4.63
N LEU A 72 33.79 18.01 -5.56
CA LEU A 72 33.54 19.38 -6.08
C LEU A 72 32.27 19.36 -6.93
N MET A 73 32.14 18.34 -7.78
CA MET A 73 30.99 18.08 -8.66
C MET A 73 29.70 18.04 -7.83
N VAL A 74 29.66 17.27 -6.74
CA VAL A 74 28.44 17.12 -5.89
C VAL A 74 28.13 18.48 -5.26
N CYS A 75 29.17 19.27 -4.93
CA CYS A 75 28.98 20.63 -4.34
C CYS A 75 28.29 21.54 -5.37
N THR A 76 28.76 21.55 -6.61
CA THR A 76 28.21 22.37 -7.72
C THR A 76 26.78 21.91 -8.04
N ILE A 77 26.53 20.61 -7.93
CA ILE A 77 25.16 20.02 -8.14
C ILE A 77 24.23 20.58 -7.06
N ARG A 78 24.62 20.51 -5.78
CA ARG A 78 23.83 21.15 -4.68
C ARG A 78 23.61 22.63 -5.00
N GLN A 79 24.68 23.40 -5.23
CA GLN A 79 24.56 24.86 -5.33
C GLN A 79 23.54 25.16 -6.42
N ALA A 80 23.63 24.51 -7.59
CA ALA A 80 22.72 24.77 -8.72
C ALA A 80 21.29 24.40 -8.33
N ALA A 81 21.08 23.23 -7.75
CA ALA A 81 19.74 22.72 -7.40
C ALA A 81 19.08 23.64 -6.37
N GLU A 82 19.81 23.98 -5.29
CA GLU A 82 19.29 24.71 -4.09
C GLU A 82 19.29 26.21 -4.37
N ALA A 83 20.20 26.70 -5.22
CA ALA A 83 20.26 28.10 -5.70
C ALA A 83 20.52 29.05 -4.54
N HIS A 84 21.28 28.60 -3.53
CA HIS A 84 21.72 29.41 -2.37
C HIS A 84 23.08 28.91 -1.91
N PRO A 85 23.87 29.80 -1.26
CA PRO A 85 25.13 29.40 -0.63
C PRO A 85 24.95 28.26 0.37
N PRO A 86 26.02 27.49 0.66
CA PRO A 86 25.90 26.31 1.50
C PRO A 86 25.74 26.70 2.98
N VAL A 87 25.20 25.78 3.78
CA VAL A 87 25.09 25.95 5.25
C VAL A 87 26.41 26.50 5.76
N GLY A 88 26.37 27.59 6.51
CA GLY A 88 27.58 28.26 7.03
C GLY A 88 27.98 29.49 6.24
N ARG A 89 27.48 29.65 5.01
CA ARG A 89 27.71 30.86 4.18
C ARG A 89 26.38 31.52 3.80
N GLY A 90 25.25 31.12 4.44
CA GLY A 90 23.90 31.65 4.15
C GLY A 90 23.75 33.17 4.36
N THR A 91 22.50 33.65 4.43
CA THR A 91 22.09 34.96 5.03
C THR A 91 20.61 34.86 5.42
N ARG A 94 17.22 35.41 1.08
CA ARG A 94 17.45 34.36 0.05
C ARG A 94 16.27 34.33 -0.94
N VAL A 95 15.83 35.50 -1.44
CA VAL A 95 14.74 35.70 -2.45
C VAL A 95 15.32 35.77 -3.87
N LEU A 96 14.77 35.00 -4.82
CA LEU A 96 15.31 34.83 -6.20
C LEU A 96 14.59 35.77 -7.17
N THR A 97 15.36 36.37 -8.09
CA THR A 97 14.86 37.14 -9.26
C THR A 97 14.16 36.16 -10.23
N ALA A 98 13.49 36.69 -11.26
CA ALA A 98 12.81 35.84 -12.28
C ALA A 98 13.85 35.00 -13.01
N LYS A 99 14.99 35.61 -13.36
CA LYS A 99 16.08 34.96 -14.13
C LYS A 99 16.78 33.89 -13.29
N GLU A 100 17.02 34.13 -11.99
CA GLU A 100 17.67 33.16 -11.07
C GLU A 100 16.76 31.94 -10.94
N ARG A 101 15.44 32.13 -10.88
CA ARG A 101 14.46 31.03 -10.75
C ARG A 101 14.43 30.24 -12.05
N LYS A 102 14.41 30.90 -13.21
CA LYS A 102 14.45 30.19 -14.51
C LYS A 102 15.73 29.35 -14.58
N THR A 103 16.88 29.93 -14.18
CA THR A 103 18.22 29.27 -14.19
C THR A 103 18.19 28.06 -13.25
N GLN A 104 17.55 28.18 -12.10
CA GLN A 104 17.42 27.07 -11.13
C GLN A 104 16.67 25.90 -11.81
N ILE A 105 15.53 26.19 -12.44
CA ILE A 105 14.68 25.14 -13.06
C ILE A 105 15.46 24.46 -14.19
N ASP A 106 16.14 25.25 -15.03
CA ASP A 106 16.85 24.77 -16.24
C ASP A 106 18.05 23.93 -15.80
N ASP A 107 18.76 24.39 -14.77
CA ASP A 107 19.92 23.70 -14.14
C ASP A 107 19.42 22.37 -13.56
N ARG A 108 18.36 22.40 -12.77
CA ARG A 108 17.74 21.18 -12.20
C ARG A 108 17.39 20.21 -13.32
N ASN A 109 16.86 20.73 -14.43
CA ASN A 109 16.51 19.87 -15.59
C ASN A 109 17.80 19.28 -16.20
N LYS A 110 18.87 20.06 -16.35
CA LYS A 110 20.12 19.61 -17.02
C LYS A 110 20.80 18.52 -16.17
N LEU A 111 21.02 18.78 -14.89
CA LEU A 111 21.77 17.84 -14.03
C LEU A 111 20.95 16.57 -13.83
N THR A 112 19.61 16.68 -13.83
CA THR A 112 18.75 15.49 -13.67
C THR A 112 18.88 14.59 -14.90
N GLU A 113 18.68 15.15 -16.10
CA GLU A 113 18.81 14.33 -17.33
C GLU A 113 20.22 13.74 -17.36
N HIS A 114 21.23 14.51 -16.95
CA HIS A 114 22.63 14.11 -17.17
C HIS A 114 23.01 12.98 -16.21
N PHE A 115 22.62 13.13 -14.95
CA PHE A 115 23.11 12.23 -13.89
C PHE A 115 22.22 11.01 -13.88
N ILE A 116 20.97 11.09 -14.34
CA ILE A 116 20.14 9.84 -14.45
C ILE A 116 20.89 8.86 -15.35
N ILE A 117 21.41 9.37 -16.49
CA ILE A 117 22.22 8.62 -17.49
C ILE A 117 23.59 8.22 -16.90
N THR A 118 24.34 9.18 -16.32
CA THR A 118 25.79 9.00 -15.99
C THR A 118 26.02 8.48 -14.56
N LEU A 119 25.11 8.72 -13.63
CA LEU A 119 25.37 8.34 -12.20
C LEU A 119 25.55 6.84 -12.08
N PRO A 120 24.77 6.01 -12.82
CA PRO A 120 24.98 4.56 -12.82
C PRO A 120 26.38 4.16 -13.32
N MET A 121 26.90 4.88 -14.32
CA MET A 121 28.22 4.59 -14.94
C MET A 121 29.32 4.95 -13.92
N LEU A 122 29.19 6.09 -13.24
CA LEU A 122 30.09 6.55 -12.15
C LEU A 122 30.10 5.53 -11.02
N LEU A 123 28.94 5.06 -10.56
CA LEU A 123 28.86 4.06 -9.46
C LEU A 123 29.55 2.77 -9.91
N SER A 124 29.21 2.28 -11.09
CA SER A 124 29.82 1.06 -11.67
C SER A 124 31.35 1.13 -11.52
N LYS A 125 31.97 2.22 -12.01
CA LYS A 125 33.43 2.38 -12.20
C LYS A 125 34.08 2.47 -10.81
N TYR A 126 33.46 3.21 -9.91
CA TYR A 126 34.01 3.54 -8.57
C TYR A 126 33.36 2.69 -7.46
N SER A 127 32.71 1.56 -7.81
CA SER A 127 31.88 0.73 -6.90
C SER A 127 32.61 0.34 -5.61
N ALA A 128 33.90 0.06 -5.67
CA ALA A 128 34.68 -0.47 -4.52
C ALA A 128 35.18 0.65 -3.60
N ASP A 129 35.16 1.90 -4.07
CA ASP A 129 35.70 3.07 -3.34
C ASP A 129 34.60 3.65 -2.47
N ALA A 130 34.62 3.31 -1.17
CA ALA A 130 33.58 3.66 -0.19
C ALA A 130 33.33 5.18 -0.11
N GLU A 131 34.37 6.01 -0.06
CA GLU A 131 34.24 7.48 0.08
C GLU A 131 33.56 8.00 -1.19
N LYS A 132 34.12 7.68 -2.35
CA LYS A 132 33.59 8.10 -3.68
C LYS A 132 32.12 7.72 -3.82
N VAL A 133 31.76 6.45 -3.59
CA VAL A 133 30.37 5.95 -3.79
C VAL A 133 29.44 6.72 -2.86
N ALA A 134 29.86 6.95 -1.62
CA ALA A 134 29.05 7.69 -0.64
C ALA A 134 28.84 9.14 -1.11
N ASN A 135 29.79 9.71 -1.84
CA ASN A 135 29.63 11.09 -2.36
C ASN A 135 28.66 11.04 -3.54
N LEU A 136 28.94 10.18 -4.50
CA LEU A 136 28.09 10.04 -5.70
C LEU A 136 26.64 9.86 -5.26
N LEU A 137 26.38 9.05 -4.22
CA LEU A 137 24.99 8.75 -3.74
C LEU A 137 24.34 9.96 -3.01
N GLN A 138 25.01 11.11 -2.92
CA GLN A 138 24.41 12.37 -2.41
C GLN A 138 23.68 13.07 -3.56
N ILE A 139 23.62 12.48 -4.75
CA ILE A 139 23.23 13.20 -6.01
C ILE A 139 21.74 13.07 -6.29
N PRO A 140 21.12 11.88 -6.21
CA PRO A 140 19.72 11.72 -6.58
C PRO A 140 18.76 12.59 -5.77
N GLN A 141 19.14 12.99 -4.55
CA GLN A 141 18.33 13.91 -3.70
C GLN A 141 18.06 15.22 -4.44
N TYR A 142 18.89 15.61 -5.41
CA TYR A 142 18.73 16.87 -6.19
C TYR A 142 17.99 16.59 -7.51
N PHE A 143 17.66 15.33 -7.81
CA PHE A 143 16.96 14.93 -9.04
C PHE A 143 15.54 15.48 -9.06
N ASP A 144 15.09 15.82 -10.27
CA ASP A 144 13.68 16.10 -10.62
C ASP A 144 13.10 14.74 -10.99
N LEU A 145 12.79 13.92 -9.97
CA LEU A 145 12.46 12.48 -10.11
C LEU A 145 11.35 12.22 -11.13
N GLU A 146 10.51 13.21 -11.47
CA GLU A 146 9.37 13.03 -12.41
C GLU A 146 9.95 12.62 -13.77
N ILE A 147 11.18 13.07 -14.05
CA ILE A 147 11.88 12.85 -15.34
C ILE A 147 12.12 11.36 -15.57
N TYR A 148 12.16 10.49 -14.54
CA TYR A 148 12.34 9.03 -14.75
C TYR A 148 11.22 8.50 -15.68
N SER A 149 9.97 8.94 -15.45
CA SER A 149 8.78 8.67 -16.31
C SER A 149 8.90 9.41 -17.65
N THR A 150 8.86 10.75 -17.63
CA THR A 150 8.88 11.71 -18.76
C THR A 150 9.81 11.24 -19.91
N GLY A 151 11.11 11.03 -19.65
CA GLY A 151 12.13 10.78 -20.69
C GLY A 151 12.16 9.34 -21.18
N ARG A 152 11.14 8.54 -20.80
CA ARG A 152 11.04 7.07 -21.08
C ARG A 152 12.37 6.46 -20.64
N MET A 153 12.74 6.78 -19.40
CA MET A 153 14.11 6.65 -18.82
C MET A 153 14.16 5.50 -17.80
N GLU A 154 13.11 4.67 -17.78
CA GLU A 154 13.03 3.48 -16.92
C GLU A 154 14.34 2.68 -17.04
N LYS A 155 14.94 2.59 -18.23
CA LYS A 155 16.14 1.73 -18.43
C LYS A 155 17.23 2.19 -17.46
N HIS A 156 17.29 3.50 -17.19
CA HIS A 156 18.35 4.15 -16.36
C HIS A 156 18.01 4.08 -14.87
N LEU A 157 16.74 4.24 -14.49
CA LEU A 157 16.33 3.91 -13.11
C LEU A 157 16.76 2.47 -12.81
N ASP A 158 16.41 1.51 -13.65
CA ASP A 158 16.81 0.08 -13.48
C ASP A 158 18.30 0.02 -13.21
N ALA A 159 19.11 0.76 -13.98
CA ALA A 159 20.59 0.73 -13.92
C ALA A 159 21.07 1.25 -12.56
N LEU A 160 20.50 2.35 -12.07
CA LEU A 160 20.90 2.89 -10.76
C LEU A 160 20.64 1.81 -9.70
N LEU A 161 19.47 1.18 -9.73
CA LEU A 161 19.06 0.15 -8.74
C LEU A 161 20.01 -1.04 -8.83
N LYS A 162 20.42 -1.42 -10.05
CA LYS A 162 21.40 -2.50 -10.28
C LYS A 162 22.63 -2.10 -9.44
N GLN A 163 23.08 -0.85 -9.57
CA GLN A 163 24.42 -0.41 -9.07
C GLN A 163 24.35 -0.18 -7.57
N ILE A 164 23.22 0.35 -7.07
CA ILE A 164 22.99 0.44 -5.60
C ILE A 164 23.06 -0.98 -5.02
N LYS A 165 22.32 -1.93 -5.59
CA LYS A 165 22.39 -3.35 -5.15
C LYS A 165 23.87 -3.77 -5.08
N PHE A 166 24.69 -3.53 -6.12
CA PHE A 166 26.11 -3.99 -6.12
C PHE A 166 26.84 -3.30 -4.99
N VAL A 167 26.54 -2.02 -4.75
CA VAL A 167 27.25 -1.25 -3.70
C VAL A 167 26.98 -1.93 -2.36
N VAL A 168 25.70 -2.08 -2.01
CA VAL A 168 25.27 -2.61 -0.68
C VAL A 168 25.88 -4.00 -0.50
N GLU A 169 25.95 -4.79 -1.57
CA GLU A 169 26.43 -6.20 -1.54
C GLU A 169 27.96 -6.22 -1.33
N LYS A 170 28.68 -5.18 -1.73
CA LYS A 170 30.17 -5.14 -1.71
C LYS A 170 30.67 -4.52 -0.40
N HIS A 171 29.82 -3.79 0.32
CA HIS A 171 30.23 -2.79 1.36
C HIS A 171 29.58 -3.00 2.74
N VAL A 172 30.31 -2.66 3.80
CA VAL A 172 29.85 -2.69 5.23
C VAL A 172 29.97 -1.29 5.87
N GLU A 173 30.73 -0.35 5.30
CA GLU A 173 30.95 1.00 5.91
C GLU A 173 29.60 1.67 6.15
N SER A 174 29.39 2.26 7.32
CA SER A 174 28.07 2.79 7.74
C SER A 174 27.70 3.99 6.88
N ASP A 175 28.69 4.69 6.34
CA ASP A 175 28.48 5.87 5.46
C ASP A 175 27.82 5.42 4.15
N VAL A 176 28.36 4.35 3.58
CA VAL A 176 27.93 3.79 2.26
C VAL A 176 26.52 3.23 2.38
N LEU A 177 26.30 2.40 3.39
CA LEU A 177 24.99 1.74 3.61
C LEU A 177 23.93 2.82 3.82
N GLU A 178 24.22 3.82 4.63
CA GLU A 178 23.31 4.96 4.94
C GLU A 178 23.01 5.72 3.63
N ALA A 179 24.00 5.90 2.76
CA ALA A 179 23.82 6.57 1.46
C ALA A 179 22.85 5.75 0.61
N CYS A 180 23.03 4.43 0.60
CA CYS A 180 22.16 3.50 -0.14
C CYS A 180 20.73 3.59 0.41
N SER A 181 20.59 3.60 1.73
CA SER A 181 19.29 3.61 2.44
C SER A 181 18.50 4.88 2.09
N LYS A 182 19.15 6.04 2.24
CA LYS A 182 18.58 7.36 1.85
C LYS A 182 18.26 7.38 0.35
N THR A 183 19.07 6.79 -0.52
CA THR A 183 18.79 6.84 -1.96
C THR A 183 17.54 6.03 -2.28
N TYR A 184 17.29 4.89 -1.63
CA TYR A 184 16.04 4.12 -1.86
C TYR A 184 14.84 4.94 -1.39
N SER A 185 14.90 5.50 -0.16
CA SER A 185 13.91 6.44 0.41
C SER A 185 13.45 7.45 -0.66
N ILE A 186 14.43 8.15 -1.23
CA ILE A 186 14.21 9.29 -2.17
C ILE A 186 13.48 8.77 -3.41
N LEU A 187 13.98 7.69 -4.02
CA LEU A 187 13.44 7.11 -5.27
C LEU A 187 11.99 6.66 -5.05
N CYS A 188 11.70 6.00 -3.91
CA CYS A 188 10.34 5.57 -3.48
C CYS A 188 9.37 6.75 -3.36
N SER A 189 9.16 7.24 -2.14
CA SER A 189 7.91 7.93 -1.71
C SER A 189 7.89 9.37 -2.24
N GLU A 190 8.51 9.62 -3.39
CA GLU A 190 8.56 10.96 -4.02
C GLU A 190 8.26 10.85 -5.53
N GLU A 191 7.23 10.09 -5.92
CA GLU A 191 6.71 9.97 -7.32
C GLU A 191 6.06 8.60 -7.51
N TYR A 192 4.73 8.50 -7.69
CA TYR A 192 4.04 7.17 -7.63
C TYR A 192 4.43 6.31 -8.83
N THR A 193 4.60 7.00 -9.96
CA THR A 193 4.96 6.37 -11.26
C THR A 193 6.02 5.30 -10.98
N ILE A 194 7.13 5.68 -10.32
CA ILE A 194 8.34 4.82 -10.09
C ILE A 194 8.29 4.16 -8.70
N GLN A 195 7.47 4.65 -7.77
CA GLN A 195 7.38 4.11 -6.38
C GLN A 195 7.33 2.56 -6.42
N ASN A 196 6.47 1.97 -7.26
CA ASN A 196 6.25 0.50 -7.35
C ASN A 196 7.53 -0.23 -7.81
N ARG A 197 8.27 0.33 -8.77
CA ARG A 197 9.45 -0.36 -9.36
C ARG A 197 10.56 -0.40 -8.31
N VAL A 198 10.76 0.72 -7.63
CA VAL A 198 11.79 0.86 -6.55
C VAL A 198 11.39 -0.04 -5.36
N ASP A 199 10.12 -0.05 -4.96
CA ASP A 199 9.60 -0.85 -3.81
C ASP A 199 9.97 -2.31 -4.03
N ILE A 200 9.86 -2.80 -5.27
CA ILE A 200 10.13 -4.22 -5.64
C ILE A 200 11.63 -4.50 -5.50
N ALA A 201 12.49 -3.60 -6.00
CA ALA A 201 13.96 -3.77 -6.00
C ALA A 201 14.43 -3.77 -4.54
N ARG A 202 13.78 -2.94 -3.72
CA ARG A 202 14.15 -2.74 -2.30
C ARG A 202 13.86 -4.03 -1.55
N SER A 203 12.60 -4.41 -1.46
CA SER A 203 12.16 -5.60 -0.69
C SER A 203 12.90 -6.85 -1.19
N GLN A 204 13.26 -6.93 -2.48
CA GLN A 204 14.05 -8.09 -2.97
C GLN A 204 15.42 -8.05 -2.28
N LEU A 205 16.07 -6.88 -2.28
CA LEU A 205 17.38 -6.66 -1.60
C LEU A 205 17.25 -7.07 -0.13
N ILE A 206 16.27 -6.53 0.57
CA ILE A 206 16.02 -6.83 2.00
C ILE A 206 15.85 -8.34 2.16
N ASP A 207 14.91 -8.98 1.42
CA ASP A 207 14.65 -10.44 1.43
C ASP A 207 15.98 -11.22 1.38
N GLU A 208 16.88 -10.87 0.45
CA GLU A 208 18.15 -11.61 0.24
C GLU A 208 19.04 -11.46 1.48
N PHE A 209 18.97 -10.31 2.17
CA PHE A 209 19.85 -9.98 3.32
C PHE A 209 19.27 -10.54 4.62
N VAL A 210 17.93 -10.52 4.76
CA VAL A 210 17.24 -11.18 5.91
C VAL A 210 17.45 -12.70 5.86
N ASP A 211 17.47 -13.32 4.67
CA ASP A 211 17.77 -14.77 4.56
C ASP A 211 19.21 -14.98 5.01
N ARG A 212 20.18 -14.29 4.41
CA ARG A 212 21.62 -14.46 4.72
C ARG A 212 21.82 -14.20 6.22
N PHE A 213 21.19 -13.17 6.79
CA PHE A 213 21.33 -12.83 8.23
C PHE A 213 20.82 -13.99 9.11
N ASN A 214 19.61 -14.48 8.80
CA ASN A 214 18.90 -15.55 9.55
C ASN A 214 19.75 -16.82 9.54
N HIS A 215 20.26 -17.22 8.37
CA HIS A 215 21.06 -18.47 8.23
C HIS A 215 22.34 -18.28 9.08
N SER A 216 22.98 -17.12 9.02
CA SER A 216 24.24 -16.85 9.76
C SER A 216 23.96 -16.79 11.26
N VAL A 217 22.84 -16.20 11.69
CA VAL A 217 22.47 -16.16 13.12
C VAL A 217 22.39 -17.60 13.62
N GLU A 218 21.65 -18.44 12.91
CA GLU A 218 21.48 -19.88 13.24
C GLU A 218 22.84 -20.56 13.25
N ASP A 219 23.70 -20.27 12.27
CA ASP A 219 25.07 -20.85 12.20
C ASP A 219 25.79 -20.52 13.51
N LEU A 220 25.93 -19.24 13.82
CA LEU A 220 26.71 -18.72 14.96
C LEU A 220 26.22 -19.34 16.28
N LEU A 221 24.91 -19.34 16.55
CA LEU A 221 24.33 -19.76 17.85
C LEU A 221 24.43 -21.28 18.05
N GLN A 222 24.11 -22.06 17.02
CA GLN A 222 24.23 -23.54 17.07
C GLN A 222 25.69 -23.87 17.38
N GLU A 223 26.65 -23.18 16.73
CA GLU A 223 28.10 -23.09 17.11
C GLU A 223 28.26 -21.96 18.14
N GLU A 226 32.88 -23.08 20.63
CA GLU A 226 33.46 -23.08 19.26
C GLU A 226 32.57 -22.24 18.34
N ALA A 227 33.17 -21.33 17.57
CA ALA A 227 32.50 -20.47 16.58
C ALA A 227 33.57 -19.82 15.67
N ASP A 228 33.38 -19.91 14.36
CA ASP A 228 34.37 -19.56 13.31
C ASP A 228 34.53 -18.04 13.25
N ASP A 229 35.62 -17.54 12.64
CA ASP A 229 35.73 -16.14 12.17
C ASP A 229 34.68 -15.86 11.08
N ASP A 230 34.48 -16.81 10.15
CA ASP A 230 33.42 -16.73 9.10
C ASP A 230 32.05 -16.52 9.75
N ASP A 231 31.77 -17.27 10.82
CA ASP A 231 30.44 -17.34 11.47
C ASP A 231 30.11 -15.94 11.99
N ILE A 232 31.11 -15.26 12.55
CA ILE A 232 31.01 -13.87 13.09
C ILE A 232 30.87 -12.87 11.93
N TYR A 233 31.81 -12.86 10.97
CA TYR A 233 31.78 -11.95 9.80
C TYR A 233 30.37 -11.96 9.19
N ASN A 234 29.82 -13.16 8.96
CA ASN A 234 28.53 -13.36 8.24
C ASN A 234 27.40 -12.65 9.03
N VAL A 235 27.36 -12.84 10.36
CA VAL A 235 26.32 -12.20 11.21
C VAL A 235 26.50 -10.68 11.15
N LEU A 236 27.68 -10.21 11.54
CA LEU A 236 28.00 -8.77 11.60
C LEU A 236 27.66 -8.11 10.27
N SER A 237 28.22 -8.63 9.17
CA SER A 237 28.19 -8.00 7.83
C SER A 237 26.75 -7.84 7.37
N THR A 238 25.92 -8.86 7.59
CA THR A 238 24.49 -8.89 7.13
C THR A 238 23.65 -8.03 8.06
N LEU A 239 23.90 -8.10 9.37
CA LEU A 239 23.22 -7.27 10.40
C LEU A 239 23.48 -5.79 10.08
N LYS A 240 24.73 -5.41 9.77
CA LYS A 240 25.12 -4.01 9.49
C LYS A 240 24.21 -3.43 8.39
N ARG A 241 24.03 -4.15 7.29
CA ARG A 241 23.20 -3.74 6.13
C ARG A 241 21.76 -3.50 6.58
N LEU A 242 21.21 -4.43 7.34
CA LEU A 242 19.80 -4.34 7.78
C LEU A 242 19.62 -3.22 8.81
N THR A 243 20.59 -2.99 9.70
CA THR A 243 20.54 -1.89 10.70
C THR A 243 20.56 -0.54 9.97
N SER A 244 21.49 -0.34 9.04
CA SER A 244 21.55 0.89 8.21
C SER A 244 20.14 1.19 7.69
N PHE A 245 19.58 0.22 6.96
CA PHE A 245 18.27 0.36 6.28
C PHE A 245 17.12 0.52 7.29
N HIS A 246 17.20 -0.10 8.49
CA HIS A 246 16.02 -0.18 9.40
C HIS A 246 15.68 1.19 10.00
N ASN A 247 16.58 2.18 9.88
CA ASN A 247 16.30 3.56 10.33
C ASN A 247 15.24 4.23 9.44
N ALA A 248 15.41 4.24 8.12
CA ALA A 248 14.53 4.98 7.18
C ALA A 248 13.52 4.04 6.49
N HIS A 249 13.65 2.72 6.63
CA HIS A 249 12.68 1.75 6.05
C HIS A 249 12.07 0.89 7.16
N ASP A 250 10.74 0.81 7.22
CA ASP A 250 10.01 -0.02 8.22
C ASP A 250 10.20 -1.49 7.85
N LEU A 251 11.08 -2.20 8.54
CA LEU A 251 11.40 -3.62 8.21
C LEU A 251 10.77 -4.57 9.24
N THR A 252 9.67 -4.18 9.89
CA THR A 252 9.03 -4.98 10.96
C THR A 252 8.43 -6.27 10.37
N LYS A 253 8.03 -6.27 9.09
CA LYS A 253 7.41 -7.45 8.40
C LYS A 253 8.38 -8.65 8.50
N TRP A 254 9.68 -8.38 8.46
CA TRP A 254 10.75 -9.35 8.83
C TRP A 254 10.93 -9.25 10.35
N ASP A 255 10.74 -10.31 11.12
CA ASP A 255 10.82 -10.20 12.59
C ASP A 255 12.31 -10.17 12.95
N LEU A 256 12.97 -9.03 12.78
CA LEU A 256 14.43 -8.92 13.05
C LEU A 256 14.69 -8.80 14.55
N PHE A 257 13.79 -8.16 15.30
CA PHE A 257 13.96 -8.00 16.77
C PHE A 257 14.26 -9.39 17.35
N GLY A 258 13.56 -10.42 16.89
CA GLY A 258 13.67 -11.78 17.44
C GLY A 258 15.10 -12.28 17.45
N ASN A 259 15.79 -12.22 16.30
CA ASN A 259 17.16 -12.77 16.13
C ASN A 259 18.17 -11.83 16.78
N CYS A 260 17.92 -10.53 16.75
CA CYS A 260 18.79 -9.55 17.46
C CYS A 260 18.79 -9.90 18.95
N TYR A 261 17.59 -10.21 19.48
CA TYR A 261 17.34 -10.45 20.92
C TYR A 261 18.15 -11.66 21.38
N ARG A 262 18.24 -12.67 20.52
CA ARG A 262 18.90 -13.97 20.83
C ARG A 262 20.41 -13.75 20.86
N LEU A 263 20.92 -13.07 19.85
CA LEU A 263 22.35 -12.66 19.74
C LEU A 263 22.78 -12.00 21.05
N LEU A 264 22.03 -10.99 21.51
CA LEU A 264 22.30 -10.23 22.76
C LEU A 264 22.16 -11.14 24.00
N LYS A 265 21.08 -11.95 24.06
CA LYS A 265 20.80 -12.86 25.20
C LYS A 265 21.95 -13.86 25.36
N THR A 266 22.57 -14.23 24.25
CA THR A 266 23.73 -15.16 24.19
C THR A 266 25.03 -14.47 24.62
N GLY A 267 25.16 -13.18 24.34
CA GLY A 267 26.36 -12.38 24.67
C GLY A 267 26.37 -12.01 26.13
N ILE A 268 25.20 -11.82 26.72
CA ILE A 268 25.05 -11.63 28.20
C ILE A 268 25.37 -12.96 28.88
N GLU A 269 24.73 -14.05 28.44
CA GLU A 269 24.80 -15.37 29.13
C GLU A 269 26.26 -15.83 29.15
N HIS A 270 26.81 -16.21 28.00
CA HIS A 270 28.13 -16.88 27.86
C HIS A 270 29.21 -15.82 27.63
N GLY A 271 28.83 -14.54 27.60
CA GLY A 271 29.73 -13.39 27.71
C GLY A 271 30.68 -13.19 26.53
N ALA A 272 30.52 -13.92 25.40
CA ALA A 272 31.56 -14.01 24.34
C ALA A 272 31.09 -13.49 22.98
N MET A 273 30.01 -12.70 22.92
CA MET A 273 29.53 -12.07 21.65
C MET A 273 30.40 -10.87 21.27
N PRO A 274 31.00 -10.82 20.06
CA PRO A 274 31.86 -9.69 19.67
C PRO A 274 31.14 -8.33 19.80
N GLU A 275 31.90 -7.30 20.16
CA GLU A 275 31.35 -5.97 20.51
C GLU A 275 30.49 -5.41 19.35
N GLN A 276 30.95 -5.49 18.11
CA GLN A 276 30.25 -4.81 16.99
C GLN A 276 28.95 -5.57 16.68
N ILE A 277 28.91 -6.88 16.85
CA ILE A 277 27.60 -7.61 16.75
C ILE A 277 26.67 -7.03 17.80
N VAL A 278 27.11 -6.93 19.05
CA VAL A 278 26.23 -6.42 20.15
C VAL A 278 25.70 -5.02 19.80
N VAL A 279 26.60 -4.11 19.37
CA VAL A 279 26.26 -2.69 19.10
C VAL A 279 25.17 -2.68 18.03
N GLN A 280 25.42 -3.33 16.88
CA GLN A 280 24.49 -3.39 15.72
C GLN A 280 23.13 -3.97 16.15
N ALA A 281 23.18 -5.12 16.82
CA ALA A 281 22.03 -5.83 17.39
C ALA A 281 21.19 -4.88 18.28
N LEU A 282 21.83 -4.09 19.12
CA LEU A 282 21.10 -3.09 19.96
C LEU A 282 20.43 -2.05 19.05
N GLN A 283 21.20 -1.44 18.16
CA GLN A 283 20.69 -0.36 17.26
C GLN A 283 19.47 -0.94 16.50
N CYS A 284 19.63 -2.13 15.91
CA CYS A 284 18.60 -2.77 15.06
C CYS A 284 17.30 -2.97 15.85
N SER A 285 17.37 -3.64 17.00
CA SER A 285 16.24 -3.80 17.96
C SER A 285 15.56 -2.45 18.23
N HIS A 286 16.33 -1.39 18.49
CA HIS A 286 15.80 -0.05 18.84
C HIS A 286 14.94 0.45 17.67
N TYR A 287 15.48 0.40 16.45
CA TYR A 287 14.79 0.79 15.19
C TYR A 287 13.51 -0.04 15.00
N SER A 288 13.54 -1.34 15.31
CA SER A 288 12.35 -2.23 15.23
C SER A 288 11.27 -1.73 16.19
N ILE A 289 11.68 -1.26 17.37
CA ILE A 289 10.75 -0.81 18.46
C ILE A 289 10.14 0.55 18.08
N LEU A 290 10.94 1.49 17.60
CA LEU A 290 10.46 2.83 17.15
C LEU A 290 9.38 2.66 16.07
N TRP A 291 9.61 1.74 15.15
CA TRP A 291 8.67 1.49 14.01
C TRP A 291 7.41 0.82 14.55
N GLN A 292 7.52 -0.19 15.40
CA GLN A 292 6.37 -0.82 16.09
C GLN A 292 5.54 0.28 16.79
N LEU A 293 6.20 1.31 17.32
CA LEU A 293 5.52 2.40 18.08
C LEU A 293 4.71 3.26 17.12
N VAL A 294 5.26 3.61 15.96
CA VAL A 294 4.58 4.45 14.93
C VAL A 294 3.31 3.74 14.45
N LYS A 295 3.37 2.43 14.18
CA LYS A 295 2.22 1.62 13.66
C LYS A 295 1.11 1.61 14.71
N ILE A 296 1.50 1.66 15.98
CA ILE A 296 0.55 1.62 17.13
C ILE A 296 -0.05 3.02 17.37
N THR A 297 0.74 4.10 17.39
CA THR A 297 0.23 5.49 17.55
C THR A 297 -0.88 5.78 16.53
N ASP A 298 -0.57 5.57 15.24
CA ASP A 298 -1.39 6.01 14.07
C ASP A 298 -2.58 5.06 13.89
N GLY A 299 -2.39 3.75 14.07
CA GLY A 299 -3.49 2.76 14.11
C GLY A 299 -4.51 3.09 15.20
N SER A 300 -5.50 2.24 15.38
CA SER A 300 -6.38 2.20 16.59
C SER A 300 -6.11 0.90 17.32
N PRO A 301 -5.05 0.85 18.16
CA PRO A 301 -4.53 -0.41 18.68
C PRO A 301 -5.39 -0.97 19.81
N SER A 302 -5.53 -2.30 19.86
CA SER A 302 -6.33 -3.03 20.87
C SER A 302 -5.62 -2.97 22.22
N LYS A 303 -6.16 -3.65 23.22
CA LYS A 303 -5.50 -3.86 24.53
C LYS A 303 -4.31 -4.81 24.33
N GLU A 304 -4.52 -5.92 23.62
CA GLU A 304 -3.51 -7.01 23.44
C GLU A 304 -2.34 -6.49 22.62
N ASP A 305 -2.62 -5.62 21.64
CA ASP A 305 -1.61 -4.95 20.79
C ASP A 305 -0.59 -4.24 21.67
N LEU A 306 -1.08 -3.42 22.62
CA LEU A 306 -0.27 -2.60 23.55
C LEU A 306 0.59 -3.52 24.42
N LEU A 307 -0.02 -4.55 25.01
CA LEU A 307 0.67 -5.46 25.95
C LEU A 307 1.71 -6.31 25.20
N VAL A 308 1.49 -6.60 23.92
CA VAL A 308 2.53 -7.26 23.07
C VAL A 308 3.74 -6.33 22.98
N LEU A 309 3.57 -5.07 22.57
CA LEU A 309 4.72 -4.13 22.40
C LEU A 309 5.38 -3.91 23.76
N ARG A 310 4.57 -3.76 24.82
CA ARG A 310 5.08 -3.54 26.21
C ARG A 310 6.06 -4.67 26.57
N LYS A 311 5.65 -5.93 26.43
CA LYS A 311 6.52 -7.09 26.77
C LYS A 311 7.85 -6.95 26.01
N THR A 312 7.77 -6.57 24.72
CA THR A 312 8.93 -6.38 23.81
C THR A 312 9.84 -5.28 24.36
N VAL A 313 9.27 -4.12 24.70
CA VAL A 313 10.03 -2.94 25.22
C VAL A 313 10.61 -3.26 26.61
N LYS A 314 9.92 -4.02 27.47
CA LYS A 314 10.41 -4.32 28.84
C LYS A 314 11.59 -5.28 28.67
N SER A 315 11.46 -6.28 27.80
CA SER A 315 12.53 -7.28 27.60
C SER A 315 13.78 -6.55 27.06
N PHE A 316 13.59 -5.51 26.23
CA PHE A 316 14.71 -4.80 25.54
C PHE A 316 15.40 -3.81 26.51
N LEU A 317 14.64 -3.04 27.27
CA LEU A 317 15.14 -2.20 28.39
C LEU A 317 16.02 -3.06 29.32
N ALA A 318 15.55 -4.25 29.68
CA ALA A 318 16.29 -5.26 30.47
C ALA A 318 17.64 -5.63 29.80
N VAL A 319 17.68 -5.82 28.47
CA VAL A 319 18.90 -6.20 27.69
C VAL A 319 19.90 -5.04 27.70
N CYS A 320 19.42 -3.79 27.59
CA CYS A 320 20.25 -2.56 27.56
C CYS A 320 20.82 -2.35 28.97
N GLN A 321 19.96 -2.45 29.99
CA GLN A 321 20.38 -2.40 31.42
C GLN A 321 21.59 -3.33 31.55
N GLN A 322 21.44 -4.58 31.09
CA GLN A 322 22.45 -5.63 31.32
C GLN A 322 23.71 -5.29 30.53
N CYS A 323 23.56 -4.73 29.32
CA CYS A 323 24.68 -4.42 28.38
C CYS A 323 25.49 -3.22 28.87
N LEU A 324 25.08 -2.56 29.96
CA LEU A 324 25.94 -1.54 30.63
C LEU A 324 27.13 -2.25 31.26
N SER A 325 26.97 -3.52 31.63
CA SER A 325 28.00 -4.33 32.31
C SER A 325 28.95 -5.00 31.31
N ASN A 326 28.69 -4.92 30.00
CA ASN A 326 29.60 -5.48 28.95
C ASN A 326 30.96 -4.78 29.06
N VAL A 327 32.08 -5.52 28.91
CA VAL A 327 33.47 -5.00 29.07
C VAL A 327 33.74 -3.92 28.01
N ASN A 328 33.20 -4.06 26.81
CA ASN A 328 33.52 -3.17 25.66
C ASN A 328 32.76 -1.83 25.83
N THR A 329 33.45 -0.70 25.79
CA THR A 329 32.83 0.59 26.15
C THR A 329 31.96 1.09 24.98
N PRO A 330 32.20 0.71 23.71
CA PRO A 330 31.24 1.03 22.63
C PRO A 330 29.85 0.40 22.86
N VAL A 331 29.81 -0.79 23.46
CA VAL A 331 28.56 -1.51 23.84
C VAL A 331 27.86 -0.68 24.90
N LYS A 332 28.56 -0.36 25.99
CA LYS A 332 28.02 0.45 27.13
C LYS A 332 27.43 1.77 26.63
N GLU A 333 28.19 2.49 25.82
CA GLU A 333 27.74 3.78 25.26
C GLU A 333 26.43 3.56 24.49
N GLN A 334 26.37 2.52 23.65
CA GLN A 334 25.19 2.22 22.79
C GLN A 334 23.97 1.96 23.70
N ALA A 335 24.09 0.94 24.57
CA ALA A 335 23.10 0.62 25.62
C ALA A 335 22.71 1.90 26.35
N PHE A 336 23.69 2.68 26.83
CA PHE A 336 23.39 3.91 27.59
C PHE A 336 22.53 4.83 26.72
N MET A 337 22.96 5.11 25.47
CA MET A 337 22.26 6.07 24.56
C MET A 337 20.81 5.63 24.40
N LEU A 338 20.60 4.33 24.15
CA LEU A 338 19.26 3.75 23.89
C LEU A 338 18.41 3.89 25.16
N LEU A 339 18.98 3.58 26.33
CA LEU A 339 18.30 3.68 27.64
C LEU A 339 17.74 5.10 27.76
N CYS A 340 18.54 6.12 27.42
CA CYS A 340 18.20 7.56 27.61
C CYS A 340 17.17 7.99 26.57
N ASP A 341 17.23 7.44 25.36
CA ASP A 341 16.18 7.59 24.32
C ASP A 341 14.87 6.95 24.83
N LEU A 342 14.89 5.63 25.07
CA LEU A 342 13.67 4.82 25.35
C LEU A 342 13.01 5.33 26.64
N LEU A 343 13.80 5.54 27.70
CA LEU A 343 13.26 5.99 29.01
C LEU A 343 12.58 7.35 28.84
N MET A 344 12.99 8.14 27.84
CA MET A 344 12.35 9.44 27.53
C MET A 344 11.08 9.21 26.70
N ILE A 345 11.15 8.31 25.69
CA ILE A 345 10.06 8.02 24.71
C ILE A 345 8.86 7.35 25.39
N PHE A 346 9.11 6.34 26.25
CA PHE A 346 8.10 5.56 27.00
C PHE A 346 7.94 6.14 28.43
N SER A 347 8.26 7.42 28.58
CA SER A 347 7.90 8.28 29.75
C SER A 347 6.42 8.67 29.60
N HIS A 348 5.92 9.52 30.50
CA HIS A 348 4.50 9.95 30.54
C HIS A 348 4.24 10.94 29.41
N GLN A 349 5.31 11.47 28.79
CA GLN A 349 5.24 12.31 27.56
C GLN A 349 4.31 11.63 26.55
N LEU A 350 4.43 10.30 26.44
CA LEU A 350 3.70 9.45 25.46
C LEU A 350 2.18 9.71 25.53
N MET A 351 1.67 10.23 26.64
CA MET A 351 0.20 10.43 26.84
C MET A 351 -0.18 11.90 26.58
N THR A 352 0.66 12.62 25.81
CA THR A 352 0.32 13.96 25.26
C THR A 352 -0.65 13.79 24.07
N GLY A 353 -1.16 14.90 23.53
CA GLY A 353 -2.02 14.96 22.34
C GLY A 353 -3.14 13.92 22.38
N GLY A 354 -3.94 13.91 23.46
CA GLY A 354 -5.15 13.08 23.64
C GLY A 354 -4.89 11.59 23.53
N ARG A 355 -3.62 11.16 23.53
CA ARG A 355 -3.18 9.75 23.30
C ARG A 355 -3.03 9.04 24.65
N GLU A 356 -4.03 9.16 25.55
CA GLU A 356 -4.00 8.53 26.91
C GLU A 356 -4.28 7.02 26.81
N GLY A 357 -4.59 6.51 25.61
CA GLY A 357 -4.76 5.08 25.33
C GLY A 357 -3.48 4.32 25.63
N LEU A 358 -2.33 5.02 25.57
CA LEU A 358 -0.97 4.44 25.55
C LEU A 358 -0.43 4.18 26.97
N GLN A 359 -1.15 4.56 28.02
CA GLN A 359 -0.68 4.41 29.42
C GLN A 359 0.00 3.06 29.61
N PRO A 360 -0.51 1.94 29.06
CA PRO A 360 0.09 0.63 29.34
C PRO A 360 1.53 0.53 28.82
N LEU A 361 1.92 1.44 27.92
CA LEU A 361 3.28 1.50 27.31
C LEU A 361 4.23 2.38 28.14
N VAL A 362 3.79 2.98 29.26
CA VAL A 362 4.65 3.92 30.04
C VAL A 362 5.55 3.08 30.96
N PHE A 363 6.81 3.51 31.14
CA PHE A 363 7.87 2.79 31.90
C PHE A 363 8.62 3.74 32.83
N ASN A 364 8.50 3.52 34.13
CA ASN A 364 9.33 4.24 35.14
C ASN A 364 10.51 3.33 35.47
N PRO A 365 11.74 3.85 35.28
CA PRO A 365 12.94 3.06 35.53
C PRO A 365 13.12 2.85 37.03
N ASP A 366 13.56 1.66 37.45
CA ASP A 366 13.66 1.33 38.89
C ASP A 366 14.90 2.04 39.45
N THR A 367 15.16 1.88 40.76
CA THR A 367 16.32 2.49 41.46
C THR A 367 17.61 1.89 40.92
N GLY A 368 17.65 0.56 40.79
CA GLY A 368 18.81 -0.18 40.25
C GLY A 368 19.29 0.48 38.98
N LEU A 369 18.36 0.72 38.06
CA LEU A 369 18.61 1.29 36.71
C LEU A 369 19.11 2.72 36.87
N GLN A 370 18.37 3.57 37.58
CA GLN A 370 18.77 4.97 37.84
C GLN A 370 20.20 5.03 38.38
N SER A 371 20.58 4.10 39.26
CA SER A 371 21.94 4.02 39.84
C SER A 371 22.96 3.67 38.74
N GLU A 372 22.61 2.72 37.86
CA GLU A 372 23.48 2.30 36.74
C GLU A 372 23.63 3.45 35.72
N LEU A 373 22.56 4.21 35.50
CA LEU A 373 22.58 5.40 34.62
C LEU A 373 23.36 6.54 35.28
N LEU A 374 23.51 6.53 36.62
CA LEU A 374 24.40 7.46 37.35
C LEU A 374 25.84 6.98 37.18
N SER A 375 26.12 5.69 37.47
CA SER A 375 27.47 5.05 37.34
C SER A 375 28.15 5.43 36.00
N PHE A 376 27.54 5.06 34.87
CA PHE A 376 28.08 5.29 33.49
C PHE A 376 28.49 6.76 33.34
N VAL A 377 27.67 7.71 33.80
CA VAL A 377 27.98 9.17 33.69
C VAL A 377 29.29 9.44 34.44
N MET A 378 29.46 8.92 35.65
CA MET A 378 30.68 9.13 36.49
C MET A 378 31.89 8.49 35.80
N ASP A 379 31.68 7.33 35.19
CA ASP A 379 32.76 6.45 34.68
C ASP A 379 33.14 6.81 33.24
N HIS A 380 32.20 7.35 32.45
CA HIS A 380 32.33 7.34 30.96
C HIS A 380 32.02 8.69 30.31
N VAL A 381 31.37 9.63 31.00
CA VAL A 381 31.25 11.05 30.54
C VAL A 381 32.46 11.81 31.13
N PHE A 382 32.64 11.70 32.45
CA PHE A 382 33.65 12.41 33.27
C PHE A 382 34.86 11.50 33.51
N ILE A 383 35.81 11.57 32.57
CA ILE A 383 37.05 10.74 32.54
C ILE A 383 38.30 11.63 32.58
N ASP A 384 39.39 11.11 33.15
CA ASP A 384 40.67 11.83 33.42
C ASP A 384 41.35 12.18 32.10
N GLN A 385 41.54 11.17 31.26
CA GLN A 385 42.11 11.28 29.89
C GLN A 385 41.78 9.98 29.15
N GLU A 399 45.22 13.19 17.37
CA GLU A 399 44.45 14.41 17.73
C GLU A 399 42.99 14.23 17.33
N ALA A 400 42.69 14.40 16.04
CA ALA A 400 41.34 14.63 15.45
C ALA A 400 40.27 13.81 16.18
N ASN A 401 40.57 12.56 16.55
CA ASN A 401 39.65 11.59 17.21
C ASN A 401 39.14 12.10 18.56
N LYS A 402 39.86 13.02 19.24
CA LYS A 402 39.59 13.40 20.65
C LYS A 402 38.57 14.55 20.67
N ILE A 403 38.54 15.44 19.68
CA ILE A 403 37.45 16.45 19.58
C ILE A 403 36.13 15.72 19.25
N GLU A 404 36.21 14.50 18.68
CA GLU A 404 35.04 13.67 18.27
C GLU A 404 34.56 12.84 19.46
N ALA A 405 35.47 12.17 20.16
CA ALA A 405 35.20 11.51 21.45
C ALA A 405 34.50 12.46 22.44
N LEU A 406 34.88 13.74 22.48
CA LEU A 406 34.30 14.76 23.41
C LEU A 406 32.83 15.05 23.04
N HIS A 407 32.56 15.36 21.78
CA HIS A 407 31.19 15.73 21.31
C HIS A 407 30.22 14.59 21.64
N LYS A 408 30.69 13.34 21.60
CA LYS A 408 29.90 12.12 21.93
C LYS A 408 29.56 12.09 23.42
N ARG A 409 30.57 12.21 24.28
CA ARG A 409 30.38 12.28 25.74
C ARG A 409 29.43 13.45 26.04
N ARG A 410 29.54 14.55 25.31
CA ARG A 410 28.56 15.67 25.43
C ARG A 410 27.18 15.07 25.13
N ASN A 411 27.01 14.44 23.97
CA ASN A 411 25.70 13.92 23.49
C ASN A 411 25.16 12.94 24.54
N LEU A 412 26.03 12.07 25.09
CA LEU A 412 25.69 11.15 26.21
C LEU A 412 25.14 11.96 27.39
N LEU A 413 25.90 12.92 27.92
CA LEU A 413 25.42 13.73 29.07
C LEU A 413 24.07 14.37 28.71
N ALA A 414 23.96 14.98 27.53
CA ALA A 414 22.77 15.76 27.12
C ALA A 414 21.56 14.82 27.08
N ALA A 415 21.76 13.60 26.57
CA ALA A 415 20.73 12.55 26.55
C ALA A 415 20.31 12.26 28.00
N PHE A 416 21.29 12.19 28.91
CA PHE A 416 21.07 11.92 30.35
C PHE A 416 20.40 13.12 31.00
N SER A 417 20.84 14.32 30.64
CA SER A 417 20.34 15.62 31.19
C SER A 417 18.82 15.72 31.02
N LYS A 418 18.28 15.28 29.88
CA LYS A 418 16.82 15.29 29.59
C LYS A 418 16.08 14.43 30.64
N LEU A 419 16.66 13.30 31.06
CA LEU A 419 16.00 12.40 32.02
C LEU A 419 15.92 13.06 33.40
N ILE A 420 16.97 13.83 33.73
CA ILE A 420 17.11 14.54 35.04
C ILE A 420 15.97 15.54 35.14
N ILE A 421 15.87 16.44 34.15
CA ILE A 421 14.91 17.59 34.13
C ILE A 421 13.48 17.10 34.44
N TYR A 422 13.09 15.91 33.99
CA TYR A 422 11.68 15.40 34.10
C TYR A 422 11.58 14.31 35.17
N ASP A 423 12.61 14.22 36.02
CA ASP A 423 12.59 13.45 37.29
C ASP A 423 12.47 11.96 36.98
N ILE A 424 12.96 11.52 35.82
CA ILE A 424 12.92 10.09 35.41
C ILE A 424 14.08 9.36 36.09
N VAL A 425 15.18 10.08 36.41
CA VAL A 425 16.20 9.63 37.40
C VAL A 425 16.03 10.48 38.67
N ASP A 426 16.82 10.18 39.71
CA ASP A 426 16.95 11.01 40.93
C ASP A 426 17.64 12.32 40.52
N MET A 427 16.91 13.45 40.45
CA MET A 427 17.52 14.75 40.01
C MET A 427 18.58 15.20 41.03
N HIS A 428 18.44 14.84 42.31
CA HIS A 428 19.37 15.23 43.42
C HIS A 428 20.70 14.46 43.30
N ALA A 429 20.67 13.12 43.29
CA ALA A 429 21.87 12.24 43.15
C ALA A 429 22.70 12.63 41.92
N ALA A 430 22.04 13.17 40.89
CA ALA A 430 22.68 13.64 39.64
C ALA A 430 23.45 14.93 39.91
N ALA A 431 22.75 15.97 40.39
CA ALA A 431 23.31 17.31 40.69
C ALA A 431 24.48 17.18 41.69
N ASP A 432 24.37 16.28 42.67
CA ASP A 432 25.46 15.93 43.61
C ASP A 432 26.71 15.57 42.80
N ILE A 433 26.57 14.67 41.82
CA ILE A 433 27.69 14.28 40.92
C ILE A 433 28.15 15.51 40.13
N PHE A 434 27.25 16.43 39.75
CA PHE A 434 27.60 17.62 38.94
C PHE A 434 28.36 18.64 39.81
N LYS A 435 27.98 18.79 41.07
CA LYS A 435 28.82 19.46 42.10
C LYS A 435 30.22 18.82 42.07
N HIS A 436 30.35 17.53 42.42
CA HIS A 436 31.64 16.82 42.64
C HIS A 436 32.61 17.12 41.49
N TYR A 437 32.13 17.18 40.25
CA TYR A 437 32.99 17.26 39.04
C TYR A 437 33.21 18.74 38.67
N MET A 438 32.39 19.67 39.17
CA MET A 438 32.55 21.14 38.95
C MET A 438 33.32 21.78 40.12
N LYS A 439 33.68 21.00 41.15
CA LYS A 439 34.26 21.50 42.43
C LYS A 439 35.29 22.59 42.13
N TYR A 440 36.36 22.25 41.40
CA TYR A 440 37.52 23.14 41.15
C TYR A 440 37.09 24.44 40.46
N TYR A 441 35.94 24.47 39.80
CA TYR A 441 35.40 25.72 39.18
C TYR A 441 34.69 26.56 40.27
N ASN A 442 34.06 25.92 41.25
CA ASN A 442 33.32 26.62 42.34
C ASN A 442 34.30 27.07 43.42
N ASP A 443 35.48 26.45 43.51
CA ASP A 443 36.47 26.65 44.59
C ASP A 443 37.55 27.65 44.16
N TYR A 444 37.87 27.79 42.88
CA TYR A 444 39.09 28.51 42.41
C TYR A 444 38.81 29.33 41.12
N GLY A 445 37.58 29.30 40.61
CA GLY A 445 37.23 29.82 39.28
C GLY A 445 37.43 31.32 39.19
N ASP A 446 36.98 32.04 40.21
CA ASP A 446 37.14 33.53 40.28
C ASP A 446 38.64 33.84 40.16
N ILE A 447 39.48 33.13 40.94
CA ILE A 447 40.96 33.38 41.01
C ILE A 447 41.59 33.06 39.64
N ILE A 448 41.24 31.92 39.05
CA ILE A 448 41.71 31.49 37.70
C ILE A 448 41.17 32.48 36.66
N LYS A 449 39.94 32.97 36.81
CA LYS A 449 39.34 33.87 35.78
C LYS A 449 40.19 35.14 35.69
N GLU A 450 40.30 35.89 36.80
CA GLU A 450 40.91 37.25 36.85
C GLU A 450 42.39 37.12 36.45
N THR A 451 43.13 36.17 37.02
CA THR A 451 44.55 35.87 36.67
C THR A 451 44.75 35.88 35.15
N LEU A 452 43.91 35.12 34.44
CA LEU A 452 44.01 34.88 32.97
C LEU A 452 43.63 36.14 32.19
N SER A 453 42.66 36.92 32.69
CA SER A 453 42.22 38.21 32.09
C SER A 453 43.44 39.16 31.94
N LYS A 454 44.22 39.38 33.01
CA LYS A 454 45.45 40.22 32.99
C LYS A 454 46.66 39.42 32.52
N THR A 455 46.79 39.13 31.22
CA THR A 455 48.00 38.51 30.60
C THR A 455 48.02 38.83 29.11
N PRO B 4 -19.04 12.06 23.51
CA PRO B 4 -20.06 13.00 24.05
C PRO B 4 -21.50 12.57 23.70
N ASN B 5 -21.65 12.03 22.50
CA ASN B 5 -22.94 11.57 21.91
C ASN B 5 -23.02 10.05 22.00
N GLY B 6 -21.99 9.40 22.55
CA GLY B 6 -21.82 7.94 22.53
C GLY B 6 -23.00 7.21 23.15
N ASN B 7 -23.61 7.78 24.19
CA ASN B 7 -24.79 7.16 24.85
C ASN B 7 -25.99 7.23 23.89
N LEU B 8 -26.27 8.44 23.35
CA LEU B 8 -27.40 8.72 22.42
C LEU B 8 -27.39 7.71 21.27
N ILE B 9 -26.24 7.58 20.58
CA ILE B 9 -26.05 6.60 19.47
C ILE B 9 -26.35 5.18 19.99
N ARG B 10 -25.76 4.77 21.11
CA ARG B 10 -25.90 3.36 21.57
C ARG B 10 -27.39 3.09 21.79
N MET B 11 -28.17 4.09 22.21
CA MET B 11 -29.63 3.93 22.43
C MET B 11 -30.39 4.05 21.10
N LEU B 12 -29.95 4.95 20.21
CA LEU B 12 -30.51 4.97 18.84
C LEU B 12 -30.52 3.53 18.34
N VAL B 13 -29.40 2.82 18.52
CA VAL B 13 -29.23 1.42 18.03
C VAL B 13 -30.30 0.53 18.67
N LEU B 14 -30.46 0.55 20.00
CA LEU B 14 -31.51 -0.26 20.73
C LEU B 14 -32.89 0.08 20.17
N PHE B 15 -33.30 1.35 20.28
CA PHE B 15 -34.58 1.85 19.74
C PHE B 15 -34.85 1.10 18.42
N PHE B 16 -33.83 0.98 17.58
CA PHE B 16 -33.94 0.49 16.18
C PHE B 16 -34.27 -1.01 16.13
N LEU B 17 -33.54 -1.89 16.82
CA LEU B 17 -33.69 -3.35 16.57
C LEU B 17 -34.68 -4.01 17.54
N GLU B 18 -34.99 -3.38 18.68
CA GLU B 18 -36.08 -3.90 19.56
C GLU B 18 -37.42 -3.32 19.09
N SER B 19 -37.44 -2.39 18.13
CA SER B 19 -38.67 -1.99 17.39
C SER B 19 -39.15 -3.17 16.55
N GLU B 20 -38.25 -4.12 16.25
CA GLU B 20 -38.51 -5.31 15.40
C GLU B 20 -39.12 -4.83 14.06
N LEU B 21 -38.55 -3.77 13.47
CA LEU B 21 -38.77 -3.32 12.08
C LEU B 21 -37.39 -3.14 11.43
N HIS B 22 -36.68 -4.25 11.19
CA HIS B 22 -35.25 -4.28 10.75
C HIS B 22 -35.11 -3.85 9.29
N GLU B 23 -36.22 -3.76 8.57
CA GLU B 23 -36.27 -3.28 7.16
C GLU B 23 -36.31 -1.75 7.14
N HIS B 24 -36.30 -1.07 8.29
CA HIS B 24 -36.71 0.35 8.41
C HIS B 24 -35.51 1.28 8.70
N ALA B 25 -34.27 0.80 8.57
CA ALA B 25 -33.04 1.55 8.94
C ALA B 25 -33.05 2.93 8.28
N ALA B 26 -33.28 2.97 6.97
CA ALA B 26 -33.30 4.24 6.19
C ALA B 26 -34.52 5.07 6.60
N TYR B 27 -35.62 4.42 6.97
CA TYR B 27 -36.90 5.10 7.32
C TYR B 27 -36.71 5.81 8.66
N LEU B 28 -36.15 5.11 9.65
CA LEU B 28 -35.78 5.67 10.98
C LEU B 28 -34.92 6.93 10.78
N VAL B 29 -33.82 6.82 10.03
CA VAL B 29 -32.87 7.95 9.79
C VAL B 29 -33.60 9.15 9.14
N ASP B 30 -34.57 8.95 8.25
CA ASP B 30 -35.24 10.09 7.54
C ASP B 30 -36.30 10.71 8.45
N SER B 31 -37.06 9.90 9.18
CA SER B 31 -38.09 10.40 10.13
C SER B 31 -37.40 11.19 11.24
N LEU B 32 -36.10 10.95 11.51
CA LEU B 32 -35.30 11.62 12.57
C LEU B 32 -34.46 12.75 12.00
N TRP B 33 -34.33 12.86 10.68
CA TRP B 33 -33.33 13.73 10.00
C TRP B 33 -33.61 15.19 10.31
N GLU B 34 -34.87 15.63 10.22
CA GLU B 34 -35.24 17.05 10.43
C GLU B 34 -34.67 17.52 11.77
N SER B 35 -34.89 16.74 12.84
CA SER B 35 -34.56 17.09 14.26
C SER B 35 -33.09 16.79 14.61
N SER B 36 -32.53 15.68 14.14
CA SER B 36 -31.32 15.09 14.77
C SER B 36 -30.17 14.90 13.76
N GLN B 37 -30.06 15.77 12.74
CA GLN B 37 -29.02 15.55 11.71
C GLN B 37 -27.65 15.91 12.28
N GLU B 38 -27.54 16.88 13.19
CA GLU B 38 -26.28 17.14 13.94
C GLU B 38 -25.83 15.81 14.58
N LEU B 39 -26.74 15.05 15.22
CA LEU B 39 -26.37 13.81 15.95
C LEU B 39 -26.04 12.69 14.94
N LEU B 40 -26.86 12.59 13.89
CA LEU B 40 -26.83 11.49 12.91
C LEU B 40 -25.61 11.64 11.98
N LYS B 41 -24.99 12.81 11.91
CA LYS B 41 -23.71 13.05 11.16
C LYS B 41 -22.47 12.99 12.06
N ASP B 42 -22.58 12.66 13.36
CA ASP B 42 -21.40 12.50 14.24
C ASP B 42 -20.75 11.15 13.89
N TRP B 43 -20.12 11.09 12.71
CA TRP B 43 -19.52 9.85 12.14
C TRP B 43 -18.32 9.45 12.99
N GLU B 44 -17.50 10.45 13.39
CA GLU B 44 -16.36 10.31 14.33
C GLU B 44 -16.81 9.48 15.53
N CYS B 45 -17.94 9.86 16.14
CA CYS B 45 -18.51 9.16 17.31
C CYS B 45 -18.80 7.68 16.96
N MET B 46 -19.50 7.42 15.83
CA MET B 46 -19.95 6.05 15.44
C MET B 46 -18.73 5.19 15.08
N THR B 47 -17.73 5.74 14.37
CA THR B 47 -16.50 4.97 14.00
C THR B 47 -15.80 4.59 15.30
N GLU B 48 -15.62 5.59 16.18
CA GLU B 48 -15.19 5.46 17.60
C GLU B 48 -15.93 4.29 18.26
N LEU B 49 -17.27 4.30 18.30
CA LEU B 49 -18.06 3.23 18.96
C LEU B 49 -17.68 1.86 18.39
N LEU B 50 -17.32 1.77 17.10
CA LEU B 50 -17.18 0.48 16.36
C LEU B 50 -15.75 -0.06 16.46
N LEU B 51 -14.76 0.82 16.65
CA LEU B 51 -13.32 0.46 16.55
C LEU B 51 -12.64 0.32 17.93
N GLU B 52 -13.34 0.50 19.06
CA GLU B 52 -12.66 0.70 20.39
C GLU B 52 -13.40 0.01 21.54
N GLU B 53 -12.75 -0.04 22.71
CA GLU B 53 -13.30 -0.48 24.02
C GLU B 53 -12.85 0.51 25.10
N ALA B 60 -19.44 -3.19 26.09
CA ALA B 60 -19.56 -4.46 25.35
C ALA B 60 -20.83 -4.44 24.50
N MET B 61 -20.74 -4.02 23.23
CA MET B 61 -21.84 -4.01 22.24
C MET B 61 -22.06 -5.44 21.72
N SER B 62 -23.30 -5.91 21.64
CA SER B 62 -23.62 -7.26 21.10
C SER B 62 -23.06 -7.36 19.68
N ASP B 63 -23.16 -8.54 19.08
CA ASP B 63 -22.86 -8.73 17.64
C ASP B 63 -23.93 -7.95 16.87
N ARG B 64 -25.16 -8.48 16.87
CA ARG B 64 -26.34 -7.93 16.15
C ARG B 64 -26.37 -6.39 16.24
N GLN B 65 -25.76 -5.79 17.26
CA GLN B 65 -25.84 -4.33 17.52
C GLN B 65 -24.82 -3.59 16.64
N GLU B 66 -23.59 -4.09 16.59
CA GLU B 66 -22.53 -3.57 15.69
C GLU B 66 -23.08 -3.58 14.26
N SER B 67 -23.55 -4.74 13.79
CA SER B 67 -24.29 -4.89 12.52
C SER B 67 -25.22 -3.68 12.36
N ALA B 68 -26.19 -3.53 13.26
CA ALA B 68 -27.20 -2.44 13.22
C ALA B 68 -26.51 -1.07 13.23
N LEU B 69 -25.51 -0.80 14.09
CA LEU B 69 -24.85 0.53 14.11
C LEU B 69 -24.20 0.78 12.73
N ILE B 70 -23.59 -0.23 12.12
CA ILE B 70 -22.99 -0.12 10.76
C ILE B 70 -24.09 0.22 9.74
N GLU B 71 -25.22 -0.50 9.73
CA GLU B 71 -26.35 -0.22 8.81
C GLU B 71 -26.78 1.24 8.94
N LEU B 72 -26.97 1.71 10.18
CA LEU B 72 -27.48 3.08 10.50
C LEU B 72 -26.44 4.11 10.07
N MET B 73 -25.17 3.79 10.30
CA MET B 73 -24.04 4.66 9.88
C MET B 73 -24.13 4.84 8.37
N VAL B 74 -24.15 3.74 7.60
CA VAL B 74 -24.28 3.81 6.12
C VAL B 74 -25.50 4.65 5.71
N CYS B 75 -26.67 4.45 6.33
CA CYS B 75 -27.91 5.18 5.96
C CYS B 75 -27.72 6.68 6.18
N THR B 76 -27.00 7.08 7.22
CA THR B 76 -26.75 8.51 7.54
C THR B 76 -25.91 9.13 6.42
N ILE B 77 -24.77 8.50 6.14
CA ILE B 77 -23.85 8.88 5.03
C ILE B 77 -24.67 9.19 3.78
N ARG B 78 -25.53 8.28 3.34
CA ARG B 78 -26.47 8.48 2.19
C ARG B 78 -27.23 9.81 2.37
N GLN B 79 -28.16 9.87 3.33
CA GLN B 79 -29.12 10.99 3.50
C GLN B 79 -28.31 12.30 3.50
N ALA B 80 -27.09 12.24 4.05
CA ALA B 80 -26.15 13.38 4.12
C ALA B 80 -25.70 13.71 2.70
N ALA B 81 -25.19 12.70 1.99
CA ALA B 81 -24.51 12.84 0.68
C ALA B 81 -25.51 13.23 -0.42
N GLU B 82 -26.57 12.44 -0.61
CA GLU B 82 -27.62 12.66 -1.65
C GLU B 82 -28.52 13.84 -1.26
N ALA B 83 -28.69 14.10 0.05
CA ALA B 83 -29.41 15.25 0.63
C ALA B 83 -30.87 15.23 0.21
N HIS B 84 -31.49 14.04 0.18
CA HIS B 84 -32.94 13.82 -0.05
C HIS B 84 -33.37 12.55 0.67
N PRO B 85 -34.67 12.40 1.02
CA PRO B 85 -35.21 11.14 1.57
C PRO B 85 -34.92 9.88 0.75
N PRO B 86 -34.94 8.68 1.39
CA PRO B 86 -34.54 7.43 0.72
C PRO B 86 -35.65 6.89 -0.21
N VAL B 87 -35.30 5.92 -1.05
CA VAL B 87 -36.25 5.31 -2.06
C VAL B 87 -37.60 5.04 -1.38
N GLY B 88 -38.63 5.82 -1.74
CA GLY B 88 -40.04 5.64 -1.35
C GLY B 88 -40.49 6.64 -0.30
N ARG B 89 -40.21 7.93 -0.48
CA ARG B 89 -40.51 9.01 0.51
C ARG B 89 -40.53 10.40 -0.16
N GLY B 90 -40.40 10.53 -1.48
CA GLY B 90 -40.38 11.83 -2.18
C GLY B 90 -41.77 12.46 -2.24
N VAL B 95 -36.13 20.64 -3.71
CA VAL B 95 -35.76 22.01 -4.18
C VAL B 95 -34.96 22.74 -3.07
N LEU B 96 -33.63 22.68 -3.17
CA LEU B 96 -32.63 23.01 -2.09
C LEU B 96 -32.51 24.53 -1.90
N THR B 97 -32.13 24.96 -0.69
CA THR B 97 -32.18 26.36 -0.21
C THR B 97 -30.93 27.15 -0.63
N ALA B 98 -29.88 26.50 -1.13
CA ALA B 98 -28.53 27.10 -1.33
C ALA B 98 -27.88 27.36 0.04
N LYS B 99 -28.67 27.29 1.12
CA LYS B 99 -28.21 27.00 2.51
C LYS B 99 -28.13 25.49 2.72
N GLU B 100 -29.16 24.74 2.31
CA GLU B 100 -29.17 23.25 2.37
C GLU B 100 -28.12 22.71 1.41
N ARG B 101 -28.06 23.31 0.21
CA ARG B 101 -27.07 23.00 -0.85
C ARG B 101 -25.67 23.25 -0.27
N LYS B 102 -25.52 24.27 0.58
CA LYS B 102 -24.24 24.53 1.31
C LYS B 102 -23.96 23.34 2.24
N THR B 103 -24.85 23.01 3.20
CA THR B 103 -24.59 21.95 4.22
C THR B 103 -24.31 20.62 3.50
N GLN B 104 -24.98 20.34 2.37
CA GLN B 104 -24.76 19.11 1.57
C GLN B 104 -23.30 19.03 1.10
N ILE B 105 -22.74 20.15 0.64
CA ILE B 105 -21.33 20.19 0.13
C ILE B 105 -20.38 19.93 1.30
N ASP B 106 -20.66 20.58 2.44
CA ASP B 106 -19.87 20.46 3.71
C ASP B 106 -19.84 18.99 4.14
N ASP B 107 -21.04 18.38 4.22
CA ASP B 107 -21.26 16.98 4.69
C ASP B 107 -20.41 16.01 3.86
N ARG B 108 -20.59 16.05 2.53
CA ARG B 108 -19.84 15.21 1.55
C ARG B 108 -18.35 15.25 1.92
N ASN B 109 -17.81 16.46 2.11
CA ASN B 109 -16.37 16.69 2.39
C ASN B 109 -16.05 16.05 3.75
N LYS B 110 -16.86 16.35 4.76
CA LYS B 110 -16.67 15.85 6.16
C LYS B 110 -16.58 14.32 6.09
N LEU B 111 -17.53 13.69 5.39
CA LEU B 111 -17.71 12.22 5.42
C LEU B 111 -16.60 11.57 4.59
N THR B 112 -16.25 12.18 3.45
CA THR B 112 -15.16 11.67 2.59
C THR B 112 -13.90 11.62 3.45
N GLU B 113 -13.54 12.78 4.03
CA GLU B 113 -12.33 12.92 4.88
C GLU B 113 -12.36 11.80 5.92
N HIS B 114 -13.44 11.71 6.69
CA HIS B 114 -13.44 10.82 7.88
C HIS B 114 -13.27 9.36 7.42
N PHE B 115 -14.04 8.95 6.41
CA PHE B 115 -14.22 7.51 6.06
C PHE B 115 -13.07 7.02 5.18
N ILE B 116 -12.55 7.86 4.29
CA ILE B 116 -11.25 7.57 3.60
C ILE B 116 -10.28 6.99 4.63
N ILE B 117 -10.16 7.65 5.78
CA ILE B 117 -9.18 7.29 6.85
C ILE B 117 -9.64 6.02 7.56
N THR B 118 -10.91 5.96 7.97
CA THR B 118 -11.44 5.04 9.01
C THR B 118 -12.05 3.78 8.40
N LEU B 119 -12.48 3.84 7.13
CA LEU B 119 -13.16 2.71 6.44
C LEU B 119 -12.19 1.54 6.29
N PRO B 120 -10.93 1.76 5.84
CA PRO B 120 -9.96 0.67 5.79
C PRO B 120 -9.84 -0.02 7.16
N MET B 121 -9.97 0.74 8.25
CA MET B 121 -9.85 0.22 9.63
C MET B 121 -11.10 -0.63 9.96
N LEU B 122 -12.28 -0.08 9.65
CA LEU B 122 -13.58 -0.78 9.84
C LEU B 122 -13.55 -2.13 9.11
N LEU B 123 -13.11 -2.11 7.85
CA LEU B 123 -13.01 -3.31 6.97
C LEU B 123 -12.04 -4.28 7.62
N SER B 124 -10.92 -3.76 8.12
CA SER B 124 -9.87 -4.55 8.81
C SER B 124 -10.49 -5.29 10.00
N LYS B 125 -11.27 -4.59 10.85
CA LYS B 125 -11.84 -5.19 12.10
C LYS B 125 -12.89 -6.23 11.74
N TYR B 126 -13.89 -5.89 10.93
CA TYR B 126 -15.08 -6.76 10.69
C TYR B 126 -14.86 -7.62 9.43
N SER B 127 -13.59 -7.84 9.04
CA SER B 127 -13.18 -8.37 7.72
C SER B 127 -13.68 -9.80 7.49
N ALA B 128 -14.16 -10.49 8.54
CA ALA B 128 -14.66 -11.89 8.45
C ALA B 128 -16.20 -11.96 8.45
N ASP B 129 -16.91 -10.84 8.63
CA ASP B 129 -18.41 -10.82 8.64
C ASP B 129 -18.89 -10.48 7.24
N ALA B 130 -19.51 -11.45 6.54
CA ALA B 130 -19.98 -11.28 5.15
C ALA B 130 -20.83 -10.03 5.06
N GLU B 131 -21.90 -9.96 5.86
CA GLU B 131 -22.96 -8.93 5.68
C GLU B 131 -22.50 -7.58 6.26
N LYS B 132 -21.52 -7.54 7.16
CA LYS B 132 -21.01 -6.25 7.73
C LYS B 132 -20.02 -5.61 6.73
N VAL B 133 -19.24 -6.43 6.04
CA VAL B 133 -18.27 -6.00 4.99
C VAL B 133 -19.09 -5.47 3.80
N ALA B 134 -20.09 -6.25 3.37
CA ALA B 134 -21.04 -5.86 2.29
C ALA B 134 -21.51 -4.44 2.56
N ASN B 135 -21.84 -4.16 3.82
CA ASN B 135 -22.55 -2.93 4.23
C ASN B 135 -21.55 -1.77 4.22
N LEU B 136 -20.37 -1.99 4.76
CA LEU B 136 -19.26 -0.98 4.73
C LEU B 136 -18.96 -0.57 3.28
N LEU B 137 -18.90 -1.53 2.36
CA LEU B 137 -18.44 -1.30 0.96
C LEU B 137 -19.45 -0.46 0.17
N GLN B 138 -20.64 -0.22 0.72
CA GLN B 138 -21.63 0.74 0.14
C GLN B 138 -21.17 2.17 0.40
N ILE B 139 -20.07 2.39 1.13
CA ILE B 139 -19.63 3.75 1.59
C ILE B 139 -18.88 4.48 0.47
N PRO B 140 -17.81 3.88 -0.13
CA PRO B 140 -17.00 4.57 -1.15
C PRO B 140 -17.78 5.29 -2.25
N GLN B 141 -18.96 4.79 -2.61
CA GLN B 141 -19.81 5.37 -3.69
C GLN B 141 -20.27 6.78 -3.34
N TYR B 142 -19.97 7.29 -2.14
CA TYR B 142 -20.55 8.56 -1.63
C TYR B 142 -19.46 9.62 -1.50
N PHE B 143 -18.20 9.18 -1.54
CA PHE B 143 -16.98 10.03 -1.57
C PHE B 143 -17.14 11.10 -2.66
N ASP B 144 -16.53 12.26 -2.46
CA ASP B 144 -16.00 13.12 -3.56
C ASP B 144 -14.54 12.70 -3.76
N LEU B 145 -14.29 11.79 -4.72
CA LEU B 145 -13.03 11.00 -4.81
C LEU B 145 -11.83 11.93 -5.03
N GLU B 146 -12.09 13.20 -5.42
CA GLU B 146 -11.07 14.28 -5.57
C GLU B 146 -10.19 14.32 -4.33
N ILE B 147 -10.81 14.48 -3.17
CA ILE B 147 -10.22 14.56 -1.80
C ILE B 147 -9.19 13.43 -1.54
N TYR B 148 -9.01 12.48 -2.46
CA TYR B 148 -7.87 11.51 -2.41
C TYR B 148 -6.62 12.23 -2.92
N SER B 149 -6.77 12.99 -4.02
CA SER B 149 -5.71 13.82 -4.67
C SER B 149 -5.58 15.14 -3.90
N THR B 150 -6.61 15.97 -3.97
CA THR B 150 -6.62 17.42 -3.57
C THR B 150 -6.40 17.56 -2.05
N GLY B 151 -6.32 16.45 -1.31
CA GLY B 151 -6.01 16.42 0.14
C GLY B 151 -4.91 15.44 0.51
N ARG B 152 -4.17 14.91 -0.48
CA ARG B 152 -3.05 13.93 -0.32
C ARG B 152 -3.35 12.90 0.79
N MET B 153 -4.30 11.99 0.51
CA MET B 153 -4.72 10.87 1.39
C MET B 153 -4.48 9.54 0.67
N GLU B 154 -3.55 9.54 -0.31
CA GLU B 154 -3.17 8.34 -1.12
C GLU B 154 -2.71 7.22 -0.17
N LYS B 155 -2.09 7.56 0.96
CA LYS B 155 -1.74 6.58 2.02
C LYS B 155 -2.95 5.68 2.30
N HIS B 156 -4.17 6.25 2.34
CA HIS B 156 -5.40 5.59 2.87
C HIS B 156 -6.14 4.85 1.74
N LEU B 157 -6.12 5.39 0.51
CA LEU B 157 -6.50 4.63 -0.70
C LEU B 157 -5.67 3.35 -0.79
N ASP B 158 -4.36 3.41 -0.53
CA ASP B 158 -3.48 2.23 -0.62
C ASP B 158 -3.97 1.22 0.43
N ALA B 159 -4.51 1.72 1.55
CA ALA B 159 -4.95 0.89 2.70
C ALA B 159 -6.31 0.26 2.39
N LEU B 160 -7.19 1.01 1.72
CA LEU B 160 -8.52 0.51 1.25
C LEU B 160 -8.30 -0.73 0.37
N LEU B 161 -7.51 -0.58 -0.69
CA LEU B 161 -7.22 -1.63 -1.72
C LEU B 161 -6.54 -2.82 -1.03
N LYS B 162 -5.56 -2.57 -0.17
CA LYS B 162 -4.92 -3.65 0.60
C LYS B 162 -6.02 -4.51 1.28
N GLN B 163 -7.15 -3.89 1.65
CA GLN B 163 -8.15 -4.45 2.59
C GLN B 163 -9.26 -5.16 1.83
N ILE B 164 -9.74 -4.54 0.74
CA ILE B 164 -10.59 -5.18 -0.31
C ILE B 164 -9.92 -6.49 -0.77
N LYS B 165 -8.61 -6.44 -1.03
CA LYS B 165 -7.79 -7.63 -1.36
C LYS B 165 -8.03 -8.69 -0.27
N PHE B 166 -7.79 -8.35 1.00
CA PHE B 166 -7.84 -9.29 2.15
C PHE B 166 -9.26 -9.86 2.28
N VAL B 167 -10.28 -9.05 1.97
CA VAL B 167 -11.73 -9.41 2.10
C VAL B 167 -12.09 -10.47 1.04
N VAL B 168 -11.81 -10.14 -0.22
CA VAL B 168 -12.28 -10.92 -1.41
C VAL B 168 -11.59 -12.30 -1.47
N GLU B 169 -10.29 -12.36 -1.17
CA GLU B 169 -9.50 -13.63 -1.06
C GLU B 169 -10.22 -14.59 -0.11
N LYS B 170 -10.78 -14.05 0.97
CA LYS B 170 -11.31 -14.81 2.13
C LYS B 170 -12.74 -15.27 1.86
N HIS B 171 -13.52 -14.47 1.14
CA HIS B 171 -14.99 -14.63 1.10
C HIS B 171 -15.44 -15.34 -0.18
N VAL B 172 -16.66 -15.87 -0.16
CA VAL B 172 -17.31 -16.62 -1.27
C VAL B 172 -18.76 -16.14 -1.44
N GLU B 173 -19.35 -15.49 -0.43
CA GLU B 173 -20.76 -15.03 -0.47
C GLU B 173 -20.86 -13.95 -1.56
N SER B 174 -21.81 -14.11 -2.48
CA SER B 174 -22.06 -13.22 -3.66
C SER B 174 -22.11 -11.75 -3.24
N ASP B 175 -22.83 -11.43 -2.17
CA ASP B 175 -23.02 -10.02 -1.74
C ASP B 175 -21.66 -9.37 -1.48
N VAL B 176 -20.73 -10.11 -0.86
CA VAL B 176 -19.36 -9.60 -0.51
C VAL B 176 -18.61 -9.31 -1.81
N LEU B 177 -18.46 -10.36 -2.62
CA LEU B 177 -17.65 -10.32 -3.86
C LEU B 177 -18.19 -9.21 -4.76
N GLU B 178 -19.52 -9.10 -4.88
CA GLU B 178 -20.12 -8.10 -5.78
C GLU B 178 -19.72 -6.73 -5.24
N ALA B 179 -19.83 -6.55 -3.93
CA ALA B 179 -19.59 -5.26 -3.28
C ALA B 179 -18.13 -4.86 -3.47
N CYS B 180 -17.17 -5.80 -3.35
CA CYS B 180 -15.73 -5.56 -3.68
C CYS B 180 -15.58 -5.09 -5.13
N SER B 181 -16.19 -5.81 -6.09
CA SER B 181 -16.17 -5.49 -7.53
C SER B 181 -16.79 -4.10 -7.78
N LYS B 182 -17.99 -3.85 -7.25
CA LYS B 182 -18.70 -2.55 -7.41
C LYS B 182 -17.85 -1.38 -6.86
N THR B 183 -16.92 -1.63 -5.94
CA THR B 183 -16.19 -0.57 -5.19
C THR B 183 -14.97 -0.17 -6.01
N TYR B 184 -14.28 -1.20 -6.53
CA TYR B 184 -13.26 -1.12 -7.60
C TYR B 184 -13.81 -0.41 -8.85
N SER B 185 -15.07 -0.63 -9.16
CA SER B 185 -15.72 0.01 -10.34
C SER B 185 -15.73 1.54 -10.16
N ILE B 186 -15.99 2.04 -8.94
CA ILE B 186 -16.08 3.49 -8.58
C ILE B 186 -14.66 4.09 -8.51
N LEU B 187 -13.70 3.31 -8.01
CA LEU B 187 -12.29 3.71 -7.73
C LEU B 187 -11.52 3.88 -9.05
N CYS B 188 -11.73 2.99 -10.04
CA CYS B 188 -11.37 3.21 -11.48
C CYS B 188 -12.34 4.25 -12.04
N SER B 189 -12.43 5.41 -11.38
CA SER B 189 -13.25 6.58 -11.75
C SER B 189 -12.93 6.97 -13.20
N GLU B 190 -11.64 6.92 -13.53
CA GLU B 190 -10.97 7.25 -14.83
C GLU B 190 -10.67 8.76 -14.88
N GLU B 191 -10.79 9.46 -13.74
CA GLU B 191 -10.57 10.93 -13.62
C GLU B 191 -9.19 11.18 -13.04
N TYR B 192 -9.03 10.86 -11.75
CA TYR B 192 -8.10 11.54 -10.80
C TYR B 192 -6.78 10.74 -10.72
N THR B 193 -5.68 11.42 -10.34
CA THR B 193 -4.29 10.89 -10.24
C THR B 193 -4.27 9.51 -9.55
N ILE B 194 -5.36 9.12 -8.90
CA ILE B 194 -5.53 7.79 -8.22
C ILE B 194 -5.78 6.70 -9.27
N GLN B 195 -6.60 6.97 -10.30
CA GLN B 195 -7.07 5.93 -11.24
C GLN B 195 -5.93 4.97 -11.58
N ASN B 196 -4.79 5.50 -12.02
CA ASN B 196 -3.57 4.70 -12.28
C ASN B 196 -3.35 3.72 -11.10
N ARG B 197 -3.36 4.22 -9.87
CA ARG B 197 -2.94 3.47 -8.64
C ARG B 197 -3.92 2.32 -8.37
N VAL B 198 -5.22 2.56 -8.62
CA VAL B 198 -6.31 1.53 -8.57
C VAL B 198 -5.99 0.41 -9.56
N ASP B 199 -5.86 0.74 -10.86
CA ASP B 199 -5.63 -0.20 -12.00
C ASP B 199 -4.50 -1.20 -11.68
N ILE B 200 -3.40 -0.72 -11.11
CA ILE B 200 -2.20 -1.56 -10.85
C ILE B 200 -2.59 -2.62 -9.82
N ALA B 201 -3.35 -2.23 -8.78
CA ALA B 201 -3.81 -3.10 -7.67
C ALA B 201 -4.88 -4.07 -8.20
N ARG B 202 -5.83 -3.58 -9.01
CA ARG B 202 -6.85 -4.42 -9.69
C ARG B 202 -6.15 -5.55 -10.46
N SER B 203 -5.35 -5.19 -11.48
CA SER B 203 -4.51 -6.13 -12.27
C SER B 203 -3.71 -7.03 -11.33
N GLN B 204 -3.15 -6.48 -10.25
CA GLN B 204 -2.41 -7.29 -9.25
C GLN B 204 -3.34 -8.41 -8.77
N LEU B 205 -4.58 -8.05 -8.45
CA LEU B 205 -5.57 -8.94 -7.77
C LEU B 205 -6.04 -10.04 -8.76
N ILE B 206 -6.53 -9.63 -9.92
CA ILE B 206 -7.02 -10.54 -11.00
C ILE B 206 -5.93 -11.53 -11.39
N ASP B 207 -4.70 -11.03 -11.57
CA ASP B 207 -3.48 -11.82 -11.83
C ASP B 207 -3.40 -12.95 -10.78
N GLU B 208 -3.70 -12.64 -9.51
CA GLU B 208 -3.56 -13.61 -8.39
C GLU B 208 -4.72 -14.61 -8.44
N PHE B 209 -5.93 -14.17 -8.77
CA PHE B 209 -7.14 -15.02 -8.87
C PHE B 209 -7.00 -16.02 -10.01
N VAL B 210 -6.61 -15.53 -11.19
CA VAL B 210 -6.42 -16.35 -12.40
C VAL B 210 -5.35 -17.41 -12.15
N ASP B 211 -4.14 -17.04 -11.71
CA ASP B 211 -3.04 -18.01 -11.46
C ASP B 211 -3.56 -19.11 -10.54
N ARG B 212 -4.33 -18.72 -9.52
CA ARG B 212 -4.89 -19.66 -8.52
C ARG B 212 -6.02 -20.46 -9.17
N PHE B 213 -6.84 -19.83 -10.02
CA PHE B 213 -7.98 -20.46 -10.76
C PHE B 213 -7.46 -21.51 -11.76
N ASN B 214 -6.40 -21.21 -12.50
CA ASN B 214 -5.83 -22.15 -13.50
C ASN B 214 -5.24 -23.37 -12.77
N HIS B 215 -4.46 -23.16 -11.72
CA HIS B 215 -3.88 -24.25 -10.90
C HIS B 215 -5.02 -25.04 -10.25
N SER B 216 -6.05 -24.35 -9.75
CA SER B 216 -7.31 -24.95 -9.18
C SER B 216 -7.90 -25.93 -10.19
N VAL B 217 -7.92 -25.53 -11.48
CA VAL B 217 -8.58 -26.29 -12.57
C VAL B 217 -7.68 -27.45 -12.95
N GLU B 218 -6.39 -27.20 -13.14
CA GLU B 218 -5.40 -28.24 -13.56
C GLU B 218 -5.51 -29.43 -12.59
N ASP B 219 -5.54 -29.13 -11.29
CA ASP B 219 -5.66 -30.12 -10.19
C ASP B 219 -7.00 -30.86 -10.30
N LEU B 220 -8.11 -30.17 -10.62
CA LEU B 220 -9.48 -30.75 -10.64
C LEU B 220 -9.62 -31.76 -11.78
N LEU B 221 -9.16 -31.42 -12.98
CA LEU B 221 -9.22 -32.31 -14.17
C LEU B 221 -8.10 -33.35 -14.09
N GLN B 222 -8.24 -34.26 -13.10
CA GLN B 222 -7.37 -35.41 -12.79
C GLN B 222 -8.23 -36.49 -12.10
N GLU B 223 -8.73 -36.20 -10.89
CA GLU B 223 -9.67 -37.07 -10.13
C GLU B 223 -11.06 -36.41 -10.16
N ASP B 228 -11.96 -35.25 -5.67
CA ASP B 228 -11.72 -34.91 -4.23
C ASP B 228 -12.30 -33.52 -3.93
N ASP B 229 -12.99 -33.38 -2.79
CA ASP B 229 -13.76 -32.18 -2.35
C ASP B 229 -12.90 -30.91 -2.36
N ASP B 230 -11.75 -30.94 -1.71
CA ASP B 230 -10.88 -29.75 -1.52
C ASP B 230 -10.52 -29.15 -2.89
N ASP B 231 -10.40 -29.99 -3.92
CA ASP B 231 -10.17 -29.54 -5.33
C ASP B 231 -11.40 -28.74 -5.78
N ILE B 232 -12.60 -29.31 -5.63
CA ILE B 232 -13.90 -28.73 -6.06
C ILE B 232 -14.02 -27.30 -5.52
N TYR B 233 -13.86 -27.11 -4.21
CA TYR B 233 -13.98 -25.80 -3.52
C TYR B 233 -12.98 -24.81 -4.17
N ASN B 234 -11.74 -25.21 -4.40
CA ASN B 234 -10.69 -24.34 -4.99
C ASN B 234 -11.20 -23.73 -6.31
N VAL B 235 -11.85 -24.53 -7.15
CA VAL B 235 -12.37 -24.10 -8.48
C VAL B 235 -13.59 -23.19 -8.28
N LEU B 236 -14.61 -23.66 -7.56
CA LEU B 236 -15.84 -22.87 -7.32
C LEU B 236 -15.43 -21.51 -6.73
N SER B 237 -14.61 -21.51 -5.70
CA SER B 237 -14.22 -20.28 -4.97
C SER B 237 -13.52 -19.32 -5.92
N THR B 238 -12.46 -19.78 -6.61
CA THR B 238 -11.61 -18.93 -7.49
C THR B 238 -12.45 -18.43 -8.67
N LEU B 239 -13.28 -19.32 -9.23
CA LEU B 239 -14.16 -19.01 -10.39
C LEU B 239 -15.15 -17.93 -9.97
N LYS B 240 -15.89 -18.18 -8.88
CA LYS B 240 -16.91 -17.27 -8.29
C LYS B 240 -16.32 -15.86 -8.13
N ARG B 241 -15.09 -15.77 -7.63
CA ARG B 241 -14.33 -14.50 -7.49
C ARG B 241 -14.20 -13.80 -8.86
N LEU B 242 -13.71 -14.53 -9.86
CA LEU B 242 -13.45 -13.97 -11.20
C LEU B 242 -14.78 -13.64 -11.88
N THR B 243 -15.78 -14.49 -11.67
CA THR B 243 -17.13 -14.34 -12.29
C THR B 243 -17.76 -13.03 -11.77
N SER B 244 -17.87 -12.85 -10.46
CA SER B 244 -18.48 -11.64 -9.85
C SER B 244 -17.76 -10.39 -10.34
N PHE B 245 -16.47 -10.50 -10.69
CA PHE B 245 -15.66 -9.35 -11.20
C PHE B 245 -15.87 -9.15 -12.70
N HIS B 246 -16.01 -10.25 -13.46
CA HIS B 246 -16.04 -10.23 -14.95
C HIS B 246 -17.25 -9.45 -15.47
N ASN B 247 -18.26 -9.27 -14.62
CA ASN B 247 -19.48 -8.48 -14.93
C ASN B 247 -19.10 -7.01 -15.22
N ALA B 248 -18.38 -6.36 -14.31
CA ALA B 248 -18.14 -4.90 -14.29
C ALA B 248 -16.72 -4.56 -14.78
N HIS B 249 -15.82 -5.55 -14.81
CA HIS B 249 -14.41 -5.42 -15.23
C HIS B 249 -14.15 -6.30 -16.47
N ASP B 250 -13.77 -5.69 -17.59
CA ASP B 250 -13.21 -6.42 -18.77
C ASP B 250 -12.00 -7.26 -18.33
N LEU B 251 -12.13 -8.59 -18.32
CA LEU B 251 -11.03 -9.52 -17.94
C LEU B 251 -10.63 -10.37 -19.15
N THR B 252 -10.82 -9.84 -20.37
CA THR B 252 -10.54 -10.59 -21.62
C THR B 252 -9.03 -10.81 -21.74
N LYS B 253 -8.21 -9.83 -21.35
CA LYS B 253 -6.73 -9.92 -21.38
C LYS B 253 -6.29 -11.26 -20.77
N TRP B 254 -7.06 -11.81 -19.82
CA TRP B 254 -6.85 -13.14 -19.18
C TRP B 254 -7.75 -14.17 -19.89
N ASP B 255 -7.22 -15.31 -20.33
CA ASP B 255 -7.97 -16.22 -21.25
C ASP B 255 -8.92 -17.09 -20.44
N LEU B 256 -9.91 -16.48 -19.78
CA LEU B 256 -10.80 -17.18 -18.82
C LEU B 256 -11.77 -18.11 -19.55
N PHE B 257 -12.24 -17.71 -20.73
CA PHE B 257 -13.20 -18.50 -21.54
C PHE B 257 -12.64 -19.91 -21.74
N GLY B 258 -11.38 -20.01 -22.17
CA GLY B 258 -10.76 -21.31 -22.45
C GLY B 258 -11.07 -22.30 -21.33
N ASN B 259 -10.75 -21.93 -20.10
CA ASN B 259 -10.86 -22.81 -18.90
C ASN B 259 -12.34 -23.04 -18.57
N CYS B 260 -13.16 -22.01 -18.75
CA CYS B 260 -14.61 -22.12 -18.50
C CYS B 260 -15.18 -23.08 -19.55
N TYR B 261 -14.57 -23.18 -20.73
CA TYR B 261 -15.03 -24.07 -21.83
C TYR B 261 -14.63 -25.51 -21.51
N ARG B 262 -13.40 -25.69 -21.03
CA ARG B 262 -12.85 -27.01 -20.61
C ARG B 262 -13.77 -27.60 -19.53
N LEU B 263 -14.12 -26.78 -18.53
CA LEU B 263 -14.94 -27.19 -17.35
C LEU B 263 -16.36 -27.58 -17.79
N LEU B 264 -16.90 -26.91 -18.81
CA LEU B 264 -18.30 -27.16 -19.25
C LEU B 264 -18.33 -28.42 -20.14
N LYS B 265 -17.34 -28.57 -21.02
CA LYS B 265 -17.22 -29.75 -21.92
C LYS B 265 -16.95 -31.00 -21.08
N THR B 266 -16.27 -30.88 -19.94
CA THR B 266 -15.96 -32.02 -19.04
C THR B 266 -17.21 -32.41 -18.26
N GLY B 267 -18.07 -31.41 -17.95
CA GLY B 267 -19.33 -31.60 -17.20
C GLY B 267 -20.40 -32.18 -18.10
N ILE B 268 -20.28 -31.93 -19.41
CA ILE B 268 -21.20 -32.42 -20.47
C ILE B 268 -20.90 -33.89 -20.80
N GLU B 269 -19.65 -34.22 -21.14
CA GLU B 269 -19.23 -35.58 -21.61
C GLU B 269 -19.08 -36.57 -20.45
N HIS B 270 -19.51 -36.21 -19.23
CA HIS B 270 -19.53 -37.11 -18.04
C HIS B 270 -20.82 -36.91 -17.23
N GLY B 271 -21.02 -35.71 -16.67
CA GLY B 271 -22.06 -35.42 -15.67
C GLY B 271 -21.47 -35.27 -14.28
N ALA B 272 -20.15 -35.38 -14.16
CA ALA B 272 -19.40 -35.43 -12.89
C ALA B 272 -19.31 -34.05 -12.21
N MET B 273 -19.60 -32.95 -12.93
CA MET B 273 -19.21 -31.56 -12.53
C MET B 273 -20.26 -30.91 -11.64
N PRO B 274 -19.93 -30.49 -10.40
CA PRO B 274 -20.89 -29.87 -9.49
C PRO B 274 -21.71 -28.75 -10.17
N GLU B 275 -22.99 -28.62 -9.78
CA GLU B 275 -23.94 -27.70 -10.45
C GLU B 275 -23.38 -26.27 -10.34
N GLN B 276 -22.88 -25.88 -9.17
CA GLN B 276 -22.45 -24.48 -8.92
C GLN B 276 -21.27 -24.14 -9.84
N ILE B 277 -20.35 -25.07 -10.07
CA ILE B 277 -19.14 -24.81 -10.91
C ILE B 277 -19.59 -24.56 -12.35
N VAL B 278 -20.51 -25.38 -12.84
CA VAL B 278 -21.13 -25.25 -14.18
C VAL B 278 -21.82 -23.89 -14.28
N VAL B 279 -22.56 -23.50 -13.24
CA VAL B 279 -23.41 -22.27 -13.29
C VAL B 279 -22.48 -21.08 -13.44
N GLN B 280 -21.47 -20.98 -12.56
CA GLN B 280 -20.47 -19.88 -12.59
C GLN B 280 -19.73 -19.88 -13.95
N ALA B 281 -19.29 -21.05 -14.40
CA ALA B 281 -18.55 -21.22 -15.67
C ALA B 281 -19.40 -20.66 -16.83
N LEU B 282 -20.70 -20.95 -16.80
CA LEU B 282 -21.66 -20.43 -17.80
C LEU B 282 -21.65 -18.90 -17.73
N GLN B 283 -21.83 -18.37 -16.52
CA GLN B 283 -21.96 -16.93 -16.24
C GLN B 283 -20.65 -16.24 -16.68
N CYS B 284 -19.48 -16.76 -16.31
CA CYS B 284 -18.16 -16.13 -16.62
C CYS B 284 -17.98 -16.02 -18.14
N SER B 285 -18.20 -17.13 -18.85
CA SER B 285 -18.10 -17.29 -20.32
C SER B 285 -18.97 -16.25 -21.02
N HIS B 286 -20.17 -16.06 -20.50
CA HIS B 286 -21.14 -15.07 -21.03
C HIS B 286 -20.55 -13.67 -20.82
N TYR B 287 -19.98 -13.38 -19.65
CA TYR B 287 -19.35 -12.06 -19.35
C TYR B 287 -18.18 -11.84 -20.32
N SER B 288 -17.30 -12.84 -20.47
CA SER B 288 -16.20 -12.86 -21.46
C SER B 288 -16.74 -12.44 -22.83
N ILE B 289 -17.88 -13.00 -23.24
CA ILE B 289 -18.49 -12.80 -24.57
C ILE B 289 -19.03 -11.36 -24.69
N LEU B 290 -19.69 -10.83 -23.65
CA LEU B 290 -20.25 -9.44 -23.69
C LEU B 290 -19.10 -8.43 -23.80
N TRP B 291 -17.98 -8.68 -23.13
CA TRP B 291 -16.82 -7.76 -23.17
C TRP B 291 -16.16 -7.86 -24.55
N GLN B 292 -16.24 -9.03 -25.18
CA GLN B 292 -15.68 -9.22 -26.54
C GLN B 292 -16.52 -8.42 -27.54
N LEU B 293 -17.85 -8.53 -27.46
CA LEU B 293 -18.80 -7.80 -28.36
C LEU B 293 -18.60 -6.28 -28.25
N VAL B 294 -18.25 -5.79 -27.05
CA VAL B 294 -18.01 -4.34 -26.79
C VAL B 294 -16.72 -3.90 -27.48
N LYS B 295 -15.61 -4.65 -27.36
CA LYS B 295 -14.30 -4.28 -27.96
C LYS B 295 -14.52 -4.05 -29.45
N ILE B 296 -15.25 -4.98 -30.07
CA ILE B 296 -15.72 -4.95 -31.48
C ILE B 296 -16.61 -3.72 -31.72
N THR B 297 -17.77 -3.60 -31.06
CA THR B 297 -18.78 -2.54 -31.34
C THR B 297 -18.22 -1.12 -31.10
N ASP B 298 -17.14 -0.96 -30.32
CA ASP B 298 -16.62 0.36 -29.87
C ASP B 298 -15.25 0.69 -30.50
N GLY B 299 -14.58 -0.25 -31.16
CA GLY B 299 -13.42 0.03 -32.03
C GLY B 299 -13.85 0.03 -33.48
N SER B 300 -12.91 -0.16 -34.40
CA SER B 300 -13.17 -0.57 -35.80
C SER B 300 -12.49 -1.91 -36.06
N PRO B 301 -13.26 -3.02 -36.14
CA PRO B 301 -12.68 -4.37 -36.24
C PRO B 301 -12.50 -4.91 -37.66
N SER B 302 -11.57 -5.87 -37.79
CA SER B 302 -11.26 -6.62 -39.04
C SER B 302 -12.25 -7.77 -39.18
N LYS B 303 -12.40 -8.34 -40.37
CA LYS B 303 -13.26 -9.53 -40.61
C LYS B 303 -12.75 -10.70 -39.75
N GLU B 304 -11.43 -10.80 -39.55
CA GLU B 304 -10.82 -11.88 -38.73
C GLU B 304 -11.36 -11.78 -37.29
N ASP B 305 -11.33 -10.57 -36.73
CA ASP B 305 -11.91 -10.24 -35.40
C ASP B 305 -13.35 -10.79 -35.35
N LEU B 306 -14.19 -10.47 -36.32
CA LEU B 306 -15.63 -10.86 -36.29
C LEU B 306 -15.75 -12.39 -36.36
N LEU B 307 -14.90 -13.06 -37.15
CA LEU B 307 -15.03 -14.54 -37.36
C LEU B 307 -14.62 -15.25 -36.07
N VAL B 308 -13.54 -14.75 -35.46
CA VAL B 308 -12.96 -15.32 -34.20
C VAL B 308 -14.02 -15.36 -33.09
N LEU B 309 -14.83 -14.30 -32.96
CA LEU B 309 -15.91 -14.22 -31.95
C LEU B 309 -17.06 -15.16 -32.35
N ARG B 310 -17.58 -15.05 -33.59
CA ARG B 310 -18.64 -15.95 -34.13
C ARG B 310 -18.32 -17.40 -33.75
N LYS B 311 -17.07 -17.82 -33.93
CA LYS B 311 -16.59 -19.19 -33.55
C LYS B 311 -16.92 -19.42 -32.08
N THR B 312 -16.36 -18.57 -31.19
CA THR B 312 -16.54 -18.60 -29.71
C THR B 312 -18.04 -18.64 -29.37
N VAL B 313 -18.83 -17.69 -29.91
CA VAL B 313 -20.27 -17.51 -29.58
C VAL B 313 -21.02 -18.82 -29.86
N LYS B 314 -20.76 -19.46 -31.01
CA LYS B 314 -21.45 -20.72 -31.43
C LYS B 314 -20.97 -21.89 -30.56
N SER B 315 -19.69 -21.93 -30.15
CA SER B 315 -19.19 -22.92 -29.16
C SER B 315 -20.06 -22.82 -27.91
N PHE B 316 -20.29 -21.60 -27.45
CA PHE B 316 -20.97 -21.33 -26.17
C PHE B 316 -22.42 -21.76 -26.33
N LEU B 317 -23.10 -21.25 -27.37
CA LEU B 317 -24.51 -21.60 -27.68
C LEU B 317 -24.68 -23.12 -27.64
N ALA B 318 -23.80 -23.83 -28.34
CA ALA B 318 -23.74 -25.30 -28.33
C ALA B 318 -23.75 -25.76 -26.88
N VAL B 319 -22.82 -25.23 -26.08
CA VAL B 319 -22.62 -25.65 -24.66
C VAL B 319 -23.93 -25.41 -23.88
N CYS B 320 -24.60 -24.28 -24.12
CA CYS B 320 -25.82 -23.89 -23.36
C CYS B 320 -26.97 -24.83 -23.75
N GLN B 321 -27.24 -24.98 -25.05
CA GLN B 321 -28.25 -25.98 -25.53
C GLN B 321 -27.95 -27.34 -24.91
N GLN B 322 -26.69 -27.80 -25.01
CA GLN B 322 -26.27 -29.08 -24.38
C GLN B 322 -26.65 -29.04 -22.89
N CYS B 323 -26.56 -27.88 -22.23
CA CYS B 323 -26.70 -27.74 -20.76
C CYS B 323 -28.17 -27.77 -20.31
N LEU B 324 -29.14 -27.50 -21.21
CA LEU B 324 -30.59 -27.64 -20.91
C LEU B 324 -30.90 -29.07 -20.44
N SER B 325 -30.07 -30.04 -20.82
CA SER B 325 -30.22 -31.48 -20.49
C SER B 325 -29.44 -31.83 -19.22
N ASN B 326 -28.76 -30.88 -18.58
CA ASN B 326 -28.09 -31.13 -17.26
C ASN B 326 -29.21 -31.46 -16.28
N VAL B 327 -28.99 -32.41 -15.39
CA VAL B 327 -30.05 -32.97 -14.49
C VAL B 327 -30.47 -31.88 -13.48
N ASN B 328 -29.54 -31.06 -12.99
CA ASN B 328 -29.81 -30.03 -11.95
C ASN B 328 -30.54 -28.81 -12.56
N THR B 329 -31.64 -28.39 -11.95
CA THR B 329 -32.55 -27.33 -12.46
C THR B 329 -31.82 -25.98 -12.52
N PRO B 330 -31.04 -25.59 -11.48
CA PRO B 330 -30.28 -24.35 -11.55
C PRO B 330 -29.46 -24.29 -12.86
N VAL B 331 -28.84 -25.40 -13.26
CA VAL B 331 -27.98 -25.47 -14.48
C VAL B 331 -28.85 -25.34 -15.74
N LYS B 332 -30.08 -25.86 -15.70
CA LYS B 332 -31.05 -25.71 -16.82
C LYS B 332 -31.47 -24.25 -16.94
N GLU B 333 -31.77 -23.62 -15.79
CA GLU B 333 -32.34 -22.25 -15.74
C GLU B 333 -31.30 -21.24 -16.23
N GLN B 334 -30.04 -21.41 -15.82
CA GLN B 334 -28.92 -20.52 -16.23
C GLN B 334 -28.79 -20.61 -17.76
N ALA B 335 -28.46 -21.82 -18.26
CA ALA B 335 -28.34 -22.14 -19.71
C ALA B 335 -29.46 -21.45 -20.49
N PHE B 336 -30.70 -21.55 -20.00
CA PHE B 336 -31.92 -21.03 -20.67
C PHE B 336 -31.84 -19.48 -20.72
N MET B 337 -31.61 -18.84 -19.58
CA MET B 337 -31.55 -17.36 -19.52
C MET B 337 -30.44 -16.88 -20.48
N LEU B 338 -29.31 -17.59 -20.50
CA LEU B 338 -28.10 -17.14 -21.24
C LEU B 338 -28.38 -17.23 -22.74
N LEU B 339 -29.04 -18.30 -23.18
CA LEU B 339 -29.53 -18.48 -24.58
C LEU B 339 -30.48 -17.33 -24.96
N CYS B 340 -31.51 -17.10 -24.15
CA CYS B 340 -32.53 -16.06 -24.42
C CYS B 340 -31.84 -14.69 -24.48
N ASP B 341 -30.79 -14.47 -23.68
CA ASP B 341 -30.07 -13.17 -23.70
C ASP B 341 -29.15 -13.12 -24.92
N LEU B 342 -28.49 -14.25 -25.26
CA LEU B 342 -27.52 -14.35 -26.39
C LEU B 342 -28.22 -14.16 -27.75
N LEU B 343 -29.32 -14.90 -28.00
CA LEU B 343 -30.17 -14.77 -29.20
C LEU B 343 -30.65 -13.33 -29.37
N MET B 344 -31.11 -12.71 -28.28
CA MET B 344 -31.56 -11.31 -28.23
C MET B 344 -30.38 -10.39 -28.62
N ILE B 345 -29.14 -10.72 -28.22
CA ILE B 345 -27.94 -9.87 -28.46
C ILE B 345 -27.43 -10.05 -29.89
N PHE B 346 -27.43 -11.29 -30.39
CA PHE B 346 -26.84 -11.67 -31.70
C PHE B 346 -27.97 -11.92 -32.72
N SER B 347 -28.42 -10.84 -33.36
CA SER B 347 -29.71 -10.78 -34.12
C SER B 347 -29.74 -9.47 -34.89
N HIS B 348 -30.61 -9.33 -35.88
CA HIS B 348 -30.71 -8.09 -36.69
C HIS B 348 -30.45 -6.89 -35.75
N GLN B 349 -31.10 -6.88 -34.58
CA GLN B 349 -30.97 -5.81 -33.55
C GLN B 349 -29.53 -5.26 -33.59
N LEU B 350 -28.57 -6.18 -33.57
CA LEU B 350 -27.11 -5.92 -33.51
C LEU B 350 -26.68 -4.97 -34.63
N MET B 351 -27.41 -4.95 -35.76
CA MET B 351 -26.98 -4.30 -37.03
C MET B 351 -27.50 -2.86 -37.14
N THR B 352 -28.77 -2.64 -36.79
CA THR B 352 -29.45 -1.33 -36.94
C THR B 352 -28.62 -0.24 -36.25
N GLY B 353 -28.56 0.94 -36.87
CA GLY B 353 -27.80 2.11 -36.39
C GLY B 353 -26.45 2.21 -37.07
N GLY B 354 -26.41 2.07 -38.40
CA GLY B 354 -25.22 2.22 -39.25
C GLY B 354 -24.17 1.14 -39.01
N ARG B 355 -24.55 0.01 -38.39
CA ARG B 355 -23.66 -1.13 -38.03
C ARG B 355 -24.06 -2.38 -38.83
N GLU B 356 -24.06 -2.28 -40.16
CA GLU B 356 -24.31 -3.41 -41.09
C GLU B 356 -23.04 -4.27 -41.15
N GLY B 357 -21.87 -3.64 -40.92
CA GLY B 357 -20.55 -4.31 -40.88
C GLY B 357 -20.52 -5.57 -40.03
N LEU B 358 -21.44 -5.72 -39.06
CA LEU B 358 -21.47 -6.83 -38.06
C LEU B 358 -22.46 -7.93 -38.47
N GLN B 359 -22.77 -8.06 -39.76
CA GLN B 359 -23.65 -9.12 -40.32
C GLN B 359 -23.17 -10.50 -39.88
N PRO B 360 -21.84 -10.82 -39.96
CA PRO B 360 -21.34 -12.15 -39.58
C PRO B 360 -21.42 -12.57 -38.09
N LEU B 361 -21.82 -11.67 -37.17
CA LEU B 361 -22.05 -11.99 -35.74
C LEU B 361 -23.52 -12.33 -35.48
N VAL B 362 -24.38 -12.25 -36.49
CA VAL B 362 -25.85 -12.49 -36.35
C VAL B 362 -26.09 -14.01 -36.27
N PHE B 363 -27.09 -14.42 -35.51
CA PHE B 363 -27.53 -15.83 -35.35
C PHE B 363 -29.06 -15.86 -35.40
N ASN B 364 -29.61 -16.57 -36.38
CA ASN B 364 -31.04 -16.99 -36.36
C ASN B 364 -31.01 -18.36 -35.71
N PRO B 365 -31.77 -18.63 -34.63
CA PRO B 365 -31.80 -19.97 -34.04
C PRO B 365 -32.45 -20.95 -35.01
N ASP B 366 -31.94 -22.19 -35.06
CA ASP B 366 -32.51 -23.28 -35.88
C ASP B 366 -33.88 -23.65 -35.29
N THR B 367 -34.58 -24.58 -35.92
CA THR B 367 -35.89 -25.13 -35.46
C THR B 367 -35.68 -26.01 -34.21
N GLY B 368 -34.66 -26.88 -34.23
CA GLY B 368 -34.38 -27.84 -33.14
C GLY B 368 -34.19 -27.12 -31.82
N LEU B 369 -33.58 -25.94 -31.85
CA LEU B 369 -33.38 -25.09 -30.64
C LEU B 369 -34.72 -24.49 -30.20
N GLN B 370 -35.38 -23.74 -31.09
CA GLN B 370 -36.71 -23.12 -30.83
C GLN B 370 -37.65 -24.17 -30.22
N SER B 371 -37.57 -25.41 -30.69
CA SER B 371 -38.33 -26.57 -30.15
C SER B 371 -37.93 -26.83 -28.70
N GLU B 372 -36.64 -26.67 -28.37
CA GLU B 372 -36.07 -27.08 -27.05
C GLU B 372 -36.22 -25.94 -26.03
N LEU B 373 -36.25 -24.69 -26.48
CA LEU B 373 -36.56 -23.50 -25.63
C LEU B 373 -38.04 -23.52 -25.23
N LEU B 374 -38.94 -23.52 -26.21
CA LEU B 374 -40.39 -23.85 -26.04
C LEU B 374 -40.60 -24.95 -24.99
N SER B 375 -40.04 -26.15 -25.23
CA SER B 375 -40.20 -27.37 -24.39
C SER B 375 -39.79 -27.10 -22.94
N PHE B 376 -38.81 -26.22 -22.74
CA PHE B 376 -38.29 -25.84 -21.40
C PHE B 376 -39.33 -25.00 -20.67
N VAL B 377 -39.95 -24.04 -21.39
CA VAL B 377 -40.98 -23.10 -20.85
C VAL B 377 -42.19 -23.88 -20.35
N MET B 378 -42.73 -24.79 -21.17
CA MET B 378 -43.87 -25.68 -20.81
C MET B 378 -43.56 -26.40 -19.51
N ASP B 379 -42.32 -26.91 -19.40
CA ASP B 379 -41.91 -27.85 -18.31
C ASP B 379 -41.59 -27.08 -17.01
N HIS B 380 -41.29 -25.78 -17.06
CA HIS B 380 -40.77 -24.99 -15.90
C HIS B 380 -41.58 -23.73 -15.60
N VAL B 381 -42.20 -23.11 -16.62
CA VAL B 381 -43.09 -21.93 -16.42
C VAL B 381 -44.49 -22.40 -15.99
N PHE B 382 -45.05 -23.43 -16.64
CA PHE B 382 -46.49 -23.82 -16.55
C PHE B 382 -46.64 -25.10 -15.69
N ILE B 383 -47.11 -24.94 -14.43
CA ILE B 383 -47.22 -26.00 -13.37
C ILE B 383 -48.49 -25.78 -12.51
N ASP B 384 -48.75 -26.66 -11.53
CA ASP B 384 -49.90 -26.60 -10.59
C ASP B 384 -50.06 -25.19 -10.00
N ASP B 398 -45.23 -21.58 4.61
CA ASP B 398 -44.74 -20.19 4.46
C ASP B 398 -45.26 -19.59 3.15
N GLU B 399 -46.10 -18.55 3.28
CA GLU B 399 -46.83 -17.85 2.17
C GLU B 399 -45.90 -16.87 1.44
N ALA B 400 -44.62 -16.79 1.84
CA ALA B 400 -43.56 -15.97 1.18
C ALA B 400 -42.48 -16.86 0.54
N ASN B 401 -42.60 -18.19 0.69
CA ASN B 401 -41.62 -19.17 0.17
C ASN B 401 -41.87 -19.41 -1.32
N LYS B 402 -43.16 -19.46 -1.71
CA LYS B 402 -43.61 -19.72 -3.11
C LYS B 402 -43.38 -18.46 -3.95
N ILE B 403 -43.80 -17.29 -3.46
CA ILE B 403 -43.68 -15.96 -4.13
C ILE B 403 -42.20 -15.72 -4.47
N GLU B 404 -41.30 -16.40 -3.76
CA GLU B 404 -39.90 -16.68 -4.23
C GLU B 404 -39.98 -17.09 -5.71
N ALA B 405 -40.41 -18.33 -5.96
CA ALA B 405 -40.27 -19.07 -7.24
C ALA B 405 -41.17 -18.50 -8.34
N LEU B 406 -42.26 -17.81 -8.01
CA LEU B 406 -43.18 -17.18 -9.00
C LEU B 406 -42.42 -16.10 -9.78
N HIS B 407 -41.61 -15.27 -9.12
CA HIS B 407 -40.81 -14.20 -9.77
C HIS B 407 -39.71 -14.83 -10.62
N LYS B 408 -39.22 -16.01 -10.23
CA LYS B 408 -38.19 -16.75 -10.97
C LYS B 408 -38.79 -17.32 -12.26
N ARG B 409 -40.04 -17.80 -12.19
CA ARG B 409 -40.75 -18.40 -13.36
C ARG B 409 -41.08 -17.27 -14.34
N ARG B 410 -41.62 -16.17 -13.82
CA ARG B 410 -41.98 -14.96 -14.60
C ARG B 410 -40.74 -14.44 -15.34
N ASN B 411 -39.54 -14.70 -14.82
CA ASN B 411 -38.28 -14.17 -15.40
C ASN B 411 -37.91 -14.97 -16.65
N LEU B 412 -38.08 -16.30 -16.57
CA LEU B 412 -37.82 -17.25 -17.69
C LEU B 412 -38.77 -16.86 -18.83
N LEU B 413 -40.06 -16.74 -18.50
CA LEU B 413 -41.14 -16.42 -19.45
C LEU B 413 -40.80 -15.13 -20.21
N ALA B 414 -40.46 -14.06 -19.49
CA ALA B 414 -40.26 -12.72 -20.08
C ALA B 414 -39.03 -12.75 -21.00
N ALA B 415 -38.09 -13.66 -20.73
CA ALA B 415 -36.86 -13.79 -21.53
C ALA B 415 -37.17 -14.50 -22.85
N PHE B 416 -38.05 -15.52 -22.83
CA PHE B 416 -38.53 -16.26 -24.03
C PHE B 416 -39.48 -15.36 -24.83
N SER B 417 -40.39 -14.68 -24.12
CA SER B 417 -41.38 -13.72 -24.69
C SER B 417 -40.63 -12.69 -25.53
N LYS B 418 -39.58 -12.08 -24.97
CA LYS B 418 -38.81 -10.99 -25.63
C LYS B 418 -38.35 -11.47 -27.01
N LEU B 419 -38.05 -12.77 -27.15
CA LEU B 419 -37.59 -13.39 -28.44
C LEU B 419 -38.72 -13.31 -29.48
N ILE B 420 -39.95 -13.58 -29.06
CA ILE B 420 -41.19 -13.56 -29.91
C ILE B 420 -41.51 -12.13 -30.35
N ILE B 421 -41.58 -11.21 -29.40
CA ILE B 421 -41.80 -9.75 -29.66
C ILE B 421 -40.79 -9.26 -30.72
N TYR B 422 -39.59 -9.84 -30.80
CA TYR B 422 -38.48 -9.35 -31.68
C TYR B 422 -38.24 -10.27 -32.90
N ASP B 423 -39.18 -11.18 -33.21
CA ASP B 423 -39.26 -11.91 -34.50
C ASP B 423 -38.19 -13.00 -34.57
N ILE B 424 -37.73 -13.46 -33.41
CA ILE B 424 -36.49 -14.29 -33.25
C ILE B 424 -36.90 -15.76 -33.11
N VAL B 425 -37.92 -16.03 -32.30
CA VAL B 425 -38.57 -17.36 -32.27
C VAL B 425 -39.94 -17.21 -32.92
N ASP B 426 -40.37 -18.20 -33.70
CA ASP B 426 -41.66 -18.14 -34.44
C ASP B 426 -42.81 -18.41 -33.46
N MET B 427 -43.80 -17.52 -33.49
CA MET B 427 -44.94 -17.52 -32.54
C MET B 427 -45.82 -18.76 -32.74
N HIS B 428 -45.97 -19.24 -33.98
CA HIS B 428 -46.86 -20.39 -34.33
C HIS B 428 -46.34 -21.64 -33.62
N ALA B 429 -45.03 -21.93 -33.73
CA ALA B 429 -44.36 -23.04 -33.02
C ALA B 429 -44.45 -22.77 -31.51
N ALA B 430 -44.39 -21.49 -31.11
CA ALA B 430 -44.28 -21.00 -29.72
C ALA B 430 -45.65 -20.83 -29.04
N ALA B 431 -46.76 -21.01 -29.76
CA ALA B 431 -48.13 -20.80 -29.24
C ALA B 431 -48.60 -21.99 -28.39
N ASP B 432 -47.68 -22.86 -27.95
CA ASP B 432 -47.97 -23.91 -26.93
C ASP B 432 -48.21 -23.27 -25.55
N ILE B 433 -47.76 -22.01 -25.33
CA ILE B 433 -47.79 -21.30 -24.01
C ILE B 433 -49.15 -20.61 -23.78
N PHE B 434 -49.73 -19.97 -24.83
CA PHE B 434 -50.99 -19.17 -24.80
C PHE B 434 -52.19 -20.09 -24.60
N LYS B 435 -52.08 -21.35 -25.04
CA LYS B 435 -53.01 -22.49 -24.75
C LYS B 435 -53.43 -22.46 -23.27
N HIS B 436 -52.51 -22.10 -22.36
CA HIS B 436 -52.79 -21.80 -20.93
C HIS B 436 -52.47 -20.32 -20.66
N TYR B 437 -53.27 -19.38 -21.20
CA TYR B 437 -53.21 -17.89 -20.96
C TYR B 437 -54.23 -17.51 -19.89
N MET B 438 -55.47 -17.95 -20.08
CA MET B 438 -56.58 -17.74 -19.11
C MET B 438 -56.26 -18.52 -17.83
N LYS B 439 -55.82 -19.78 -17.95
CA LYS B 439 -55.59 -20.68 -16.78
C LYS B 439 -54.58 -20.04 -15.81
N TYR B 440 -53.69 -19.17 -16.30
CA TYR B 440 -52.65 -18.50 -15.48
C TYR B 440 -52.65 -17.00 -15.74
N TYR B 441 -53.82 -16.35 -15.84
CA TYR B 441 -53.86 -14.87 -16.02
C TYR B 441 -53.31 -14.19 -14.75
N ASN B 442 -53.55 -14.78 -13.57
CA ASN B 442 -53.10 -14.21 -12.28
C ASN B 442 -51.57 -14.20 -12.22
N ASP B 443 -50.93 -15.32 -12.56
CA ASP B 443 -49.46 -15.50 -12.44
C ASP B 443 -48.72 -14.75 -13.56
N TYR B 444 -49.15 -14.89 -14.82
CA TYR B 444 -48.38 -14.50 -16.03
C TYR B 444 -49.14 -13.49 -16.90
N GLY B 445 -50.48 -13.52 -16.87
CA GLY B 445 -51.38 -12.62 -17.61
C GLY B 445 -50.68 -11.39 -18.19
N ASP B 446 -50.07 -10.54 -17.35
CA ASP B 446 -49.46 -9.26 -17.80
C ASP B 446 -48.42 -9.56 -18.90
N ILE B 447 -47.57 -10.57 -18.68
CA ILE B 447 -46.45 -10.91 -19.63
C ILE B 447 -47.07 -11.40 -20.93
N ILE B 448 -47.94 -12.40 -20.88
CA ILE B 448 -48.55 -13.00 -22.10
C ILE B 448 -49.30 -11.91 -22.87
N LYS B 449 -50.28 -11.23 -22.26
CA LYS B 449 -51.16 -10.26 -22.97
C LYS B 449 -50.28 -9.22 -23.72
N GLU B 450 -49.13 -8.82 -23.16
CA GLU B 450 -48.22 -7.80 -23.78
C GLU B 450 -47.47 -8.38 -24.99
N THR B 451 -47.23 -9.70 -25.01
CA THR B 451 -46.62 -10.45 -26.14
C THR B 451 -47.62 -10.48 -27.30
N LEU B 452 -48.82 -11.04 -27.06
CA LEU B 452 -49.96 -11.15 -28.02
C LEU B 452 -50.35 -9.73 -28.46
N SER B 453 -50.33 -8.78 -27.53
CA SER B 453 -50.54 -7.34 -27.84
C SER B 453 -49.64 -6.92 -29.00
N LYS B 454 -48.32 -6.96 -28.84
CA LYS B 454 -47.37 -6.16 -29.66
C LYS B 454 -47.04 -6.87 -30.99
N THR B 455 -46.98 -8.21 -31.04
CA THR B 455 -46.79 -8.95 -32.31
C THR B 455 -48.13 -9.05 -33.05
N1 O2J C . -49.11 -8.93 -11.90
C4 O2J C . -48.54 -10.03 -11.11
C5 O2J C . -48.37 -7.68 -11.75
C6 O2J C . -47.70 -7.61 -10.40
C7 O2J C . -50.20 -9.09 -12.72
C8 O2J C . -50.65 -8.06 -13.57
C10 O2J C . -52.36 -9.53 -14.33
C1 O2J C . -46.25 -11.76 -8.14
O1 O2J C . -47.06 -11.52 -9.27
C2 O2J C . -46.36 -11.03 -10.39
C3 O2J C . -47.06 -9.83 -10.97
O2 O2J C . -46.83 -8.71 -10.13
C9 O2J C . -51.74 -8.30 -14.37
C11 O2J C . -51.86 -10.49 -13.48
N2 O2J C . -50.80 -10.29 -12.69
#